data_6T48
#
_entry.id   6T48
#
_cell.length_a   344
_cell.length_b   349.4
_cell.length_c   352.7
_cell.angle_alpha   90
_cell.angle_beta   90
_cell.angle_gamma   90
#
_symmetry.space_group_name_H-M   'I 2 2 2'
#
loop_
_entity.id
_entity.type
_entity.pdbx_description
1 polymer VP1
2 polymer VP2
3 polymer VP3
4 polymer VP4
5 non-polymer CYSTEINE
6 non-polymer 'STEARIC ACID'
7 non-polymer GLUTATHIONE
8 non-polymer 'SULFATE ION'
9 non-polymer GLYCEROL
10 non-polymer 'POTASSIUM ION'
11 non-polymer GLYCINE
12 non-polymer 'CHLORIDE ION'
13 water water
#
loop_
_entity_poly.entity_id
_entity_poly.type
_entity_poly.pdbx_seq_one_letter_code
_entity_poly.pdbx_strand_id
1 'polypeptide(L)'
;GETGQVIKSAVRSTVENTVQSTHSITTEATPALQAAETGATSNASDESMIETRNVVNTHGVAETSLEAFYGRAGLVAMFS
TDGGIYRWYINFGEYVQLRAKLELLTYARFDMEFTIVAQVVNAQSKVQDFNVDYQVMFVPPGASVPENQDSYQWQSSCNP
SVISNTGLPPARVSVPFMSSANAYSFSYDGYTQFGDTSGSSYGIVPSNYLGMLVVRTCEDLDGTRLRVRVYAKPKHVKGW
IPRSPRMTPYKSRYTGVYTDTTKFCANRARITTAG
;
A
2 'polypeptide(L)'
;SAEACGYSDRVAQLTLGNSTITTQEAANIVVGYGRWPTSLRDTDATAVDKPTQPGVSAERFYTLPSVQWTNSFKGHYWKL
PDALSELGLFGQNLQFHYLYRGGWVIHVQCNATKFHQGTLLVVATPEHKIQSAESPAFARTNPGEQGAAYQFPFTFEDGT
ALGNALIYPHQWVNLRTNNSATLVLPYVNALPMDSGIRHNNWTLSVIPIVPLEYAAGATTYVPITVTIAPMCTEYNGLRA
AVTQ
;
B
3 'polypeptide(L)'
;GIPTLYTPGSGQFLTTDDFQTPCMLPKFQPTPVIDIPGEVKNFLEVVQVESLVEINNVESAEGVARYRIPLNVQDAMDGQ
IMALRVDPGIDGPMQSTLLGVFTRYYAQWSGSLDFTFMFCGTFMTTGKVIIAYTPPGGDQPTNRRQAMLGTHVVWDFGLQ
SSITLVVPWISSGHFRGTTLENTIYKYRYYEAGYITMWYQTNMVVPPNFPTTASILMFVAAQPNFSLRILKDRPDISQEG
ALQ
;
C
4 'polypeptide(L)' MGAQMSKNTAGSHTTGTYATGGSNIHYTNINYYENAASNSLNKQDFTQDPEKFTRPVVDVMKEAAVPLKSP D
#
# COMPACT_ATOMS: atom_id res chain seq x y z
N GLY A 4 -4.41 -7.23 -21.87
CA GLY A 4 -3.26 -7.99 -21.30
C GLY A 4 -2.28 -7.11 -20.53
N GLN A 5 -1.15 -7.70 -20.16
CA GLN A 5 -0.10 -7.01 -19.41
C GLN A 5 0.86 -6.30 -20.36
N VAL A 6 0.89 -4.97 -20.30
CA VAL A 6 1.75 -4.18 -21.17
C VAL A 6 3.09 -3.79 -20.53
N ILE A 7 3.25 -4.13 -19.25
CA ILE A 7 4.49 -3.82 -18.54
C ILE A 7 5.10 -5.10 -17.96
N LYS A 8 6.28 -5.47 -18.44
CA LYS A 8 6.97 -6.69 -17.99
C LYS A 8 7.51 -6.58 -16.55
N SER A 9 7.84 -7.73 -15.99
CA SER A 9 8.39 -7.82 -14.63
C SER A 9 9.56 -8.80 -14.57
N ALA A 10 10.71 -8.39 -15.11
CA ALA A 10 11.90 -9.23 -15.10
C ALA A 10 12.43 -9.33 -13.67
N VAL A 11 12.97 -10.49 -13.30
CA VAL A 11 13.46 -10.68 -11.94
C VAL A 11 14.96 -10.41 -11.77
N ARG A 12 15.34 -9.92 -10.60
CA ARG A 12 16.72 -9.62 -10.27
C ARG A 12 17.02 -10.28 -8.92
N SER A 13 18.29 -10.59 -8.68
CA SER A 13 18.69 -11.21 -7.43
C SER A 13 19.62 -10.27 -6.62
N THR A 14 19.97 -9.14 -7.24
CA THR A 14 20.82 -8.13 -6.60
C THR A 14 20.32 -6.75 -7.03
N VAL A 15 20.68 -5.71 -6.29
CA VAL A 15 20.26 -4.36 -6.64
C VAL A 15 21.04 -3.91 -7.87
N GLU A 16 20.67 -2.78 -8.46
CA GLU A 16 21.32 -2.29 -9.66
C GLU A 16 22.74 -1.72 -9.43
N ASN A 17 23.65 -1.99 -10.37
CA ASN A 17 25.02 -1.48 -10.29
C ASN A 17 25.03 -0.01 -10.67
N THR A 18 26.16 0.64 -10.41
CA THR A 18 26.33 2.03 -10.76
C THR A 18 27.40 2.03 -11.84
N VAL A 19 27.15 2.73 -12.94
CA VAL A 19 28.10 2.81 -14.03
C VAL A 19 28.70 4.20 -14.05
N GLN A 20 29.99 4.29 -14.37
CA GLN A 20 30.65 5.59 -14.41
C GLN A 20 30.01 6.50 -15.44
N SER A 21 29.86 7.77 -15.11
CA SER A 21 29.27 8.73 -16.03
C SER A 21 30.14 9.98 -16.08
N THR A 22 29.96 10.77 -17.12
CA THR A 22 30.74 11.98 -17.29
C THR A 22 29.81 13.19 -17.33
N HIS A 23 30.39 14.38 -17.55
CA HIS A 23 29.60 15.60 -17.60
C HIS A 23 28.72 15.63 -18.84
N SER A 24 27.70 16.47 -18.80
CA SER A 24 26.77 16.62 -19.92
C SER A 24 26.29 18.05 -20.01
N ILE A 25 26.51 18.67 -21.16
CA ILE A 25 26.09 20.04 -21.42
C ILE A 25 25.32 19.99 -22.73
N THR A 26 24.00 19.90 -22.63
CA THR A 26 23.16 19.77 -23.82
C THR A 26 21.75 20.32 -23.66
N THR A 27 21.04 20.44 -24.79
CA THR A 27 19.66 20.91 -24.80
C THR A 27 18.76 19.72 -25.13
N GLU A 28 19.39 18.60 -25.48
CA GLU A 28 18.66 17.38 -25.82
C GLU A 28 18.15 16.65 -24.58
N ALA A 29 19.05 15.88 -23.96
CA ALA A 29 18.72 15.09 -22.78
C ALA A 29 18.54 15.91 -21.50
N THR A 30 17.37 15.79 -20.90
CA THR A 30 17.07 16.50 -19.64
C THR A 30 16.43 15.55 -18.62
N PRO A 31 17.21 14.57 -18.14
CA PRO A 31 16.75 13.59 -17.14
C PRO A 31 16.09 14.17 -15.89
N ALA A 32 16.59 15.31 -15.41
CA ALA A 32 16.06 15.91 -14.18
C ALA A 32 14.63 16.44 -14.26
N LEU A 33 14.20 16.86 -15.46
CA LEU A 33 12.85 17.40 -15.62
C LEU A 33 11.81 16.30 -15.54
N GLN A 34 10.82 16.45 -14.66
CA GLN A 34 9.80 15.43 -14.51
C GLN A 34 8.39 16.01 -14.51
N ALA A 35 7.40 15.14 -14.41
CA ALA A 35 5.99 15.55 -14.39
C ALA A 35 5.22 14.54 -13.54
N ALA A 36 5.17 14.78 -12.24
CA ALA A 36 4.48 13.88 -11.33
C ALA A 36 2.99 13.71 -11.65
N GLU A 37 2.42 14.65 -12.38
CA GLU A 37 1.00 14.59 -12.73
C GLU A 37 0.65 13.32 -13.49
N THR A 38 1.60 12.77 -14.24
CA THR A 38 1.36 11.57 -15.04
C THR A 38 1.02 10.36 -14.16
N GLY A 39 1.43 10.41 -12.90
CA GLY A 39 1.17 9.30 -12.00
C GLY A 39 2.37 8.36 -11.95
N ALA A 40 3.39 8.69 -12.72
CA ALA A 40 4.60 7.87 -12.78
C ALA A 40 5.68 8.42 -11.85
N THR A 41 6.44 7.52 -11.24
CA THR A 41 7.53 7.89 -10.35
C THR A 41 8.69 8.33 -11.24
N SER A 42 9.45 9.32 -10.80
CA SER A 42 10.60 9.83 -11.56
C SER A 42 11.45 8.71 -12.13
N ASN A 43 12.07 8.94 -13.29
CA ASN A 43 12.93 7.92 -13.87
C ASN A 43 14.36 8.42 -14.01
N ALA A 44 14.69 9.49 -13.29
CA ALA A 44 16.03 10.05 -13.32
C ALA A 44 16.95 9.08 -12.57
N SER A 45 18.08 8.74 -13.18
CA SER A 45 19.03 7.83 -12.55
C SER A 45 20.20 8.61 -11.95
N ASP A 46 20.91 7.98 -11.02
CA ASP A 46 22.05 8.61 -10.37
C ASP A 46 23.06 9.10 -11.42
N GLU A 47 23.35 8.23 -12.39
CA GLU A 47 24.30 8.53 -13.46
C GLU A 47 23.96 9.75 -14.30
N SER A 48 22.68 10.14 -14.29
CA SER A 48 22.24 11.30 -15.08
C SER A 48 22.24 12.61 -14.30
N MET A 49 22.20 12.52 -12.98
CA MET A 49 22.15 13.70 -12.13
C MET A 49 23.51 14.21 -11.65
N ILE A 50 24.46 13.29 -11.55
CA ILE A 50 25.81 13.63 -11.10
C ILE A 50 26.79 12.73 -11.83
N GLU A 51 28.08 13.03 -11.70
CA GLU A 51 29.08 12.18 -12.32
C GLU A 51 29.32 11.07 -11.31
N THR A 52 29.16 9.83 -11.77
CA THR A 52 29.34 8.68 -10.90
C THR A 52 30.53 7.84 -11.28
N ARG A 53 30.87 6.89 -10.41
CA ARG A 53 31.98 5.97 -10.64
C ARG A 53 31.36 4.60 -10.86
N ASN A 54 32.17 3.60 -11.17
CA ASN A 54 31.67 2.25 -11.35
C ASN A 54 31.55 1.61 -9.97
N VAL A 55 30.41 0.97 -9.74
CA VAL A 55 30.20 0.27 -8.48
C VAL A 55 29.52 -1.03 -8.81
N VAL A 56 30.22 -2.14 -8.61
CA VAL A 56 29.63 -3.46 -8.84
C VAL A 56 28.97 -3.78 -7.51
N ASN A 57 27.67 -3.51 -7.46
CA ASN A 57 26.87 -3.69 -6.25
C ASN A 57 26.32 -5.11 -6.11
N THR A 58 26.83 -5.86 -5.15
CA THR A 58 26.35 -7.23 -4.96
C THR A 58 25.33 -7.37 -3.84
N HIS A 59 24.79 -6.25 -3.35
CA HIS A 59 23.80 -6.30 -2.29
C HIS A 59 22.59 -7.13 -2.76
N GLY A 60 22.14 -8.05 -1.90
CA GLY A 60 21.00 -8.88 -2.26
C GLY A 60 19.67 -8.22 -1.98
N VAL A 61 18.59 -8.90 -2.35
CA VAL A 61 17.24 -8.37 -2.15
C VAL A 61 16.37 -9.37 -1.39
N ALA A 62 16.98 -10.45 -0.91
CA ALA A 62 16.24 -11.51 -0.23
C ALA A 62 15.40 -11.14 0.99
N GLU A 63 15.95 -10.35 1.90
CA GLU A 63 15.21 -10.02 3.13
C GLU A 63 13.94 -9.19 2.98
N THR A 64 13.69 -8.66 1.78
CA THR A 64 12.47 -7.89 1.58
C THR A 64 11.46 -8.65 0.71
N SER A 65 11.76 -9.91 0.38
CA SER A 65 10.83 -10.71 -0.41
C SER A 65 9.63 -10.99 0.49
N LEU A 66 8.48 -11.31 -0.10
CA LEU A 66 7.30 -11.59 0.71
C LEU A 66 7.55 -12.73 1.67
N GLU A 67 8.27 -13.74 1.21
CA GLU A 67 8.57 -14.90 2.04
C GLU A 67 9.42 -14.53 3.25
N ALA A 68 10.42 -13.66 3.03
CA ALA A 68 11.30 -13.23 4.11
C ALA A 68 10.60 -12.28 5.07
N PHE A 69 9.72 -11.45 4.54
CA PHE A 69 9.00 -10.48 5.35
C PHE A 69 7.94 -11.15 6.24
N TYR A 70 7.18 -12.06 5.65
CA TYR A 70 6.11 -12.75 6.37
C TYR A 70 6.47 -14.08 7.03
N GLY A 71 7.52 -14.71 6.52
CA GLY A 71 7.95 -16.01 7.02
C GLY A 71 8.45 -16.21 8.44
N ARG A 72 7.77 -15.65 9.42
CA ARG A 72 8.17 -15.85 10.81
C ARG A 72 6.94 -15.77 11.70
N ALA A 73 6.98 -16.48 12.82
CA ALA A 73 5.84 -16.54 13.73
C ALA A 73 5.53 -15.26 14.49
N GLY A 74 4.23 -15.04 14.68
CA GLY A 74 3.75 -13.88 15.41
C GLY A 74 2.55 -14.31 16.24
N LEU A 75 2.35 -13.69 17.40
CA LEU A 75 1.24 -14.05 18.27
C LEU A 75 -0.11 -13.67 17.64
N VAL A 76 -1.08 -14.59 17.68
CA VAL A 76 -2.41 -14.32 17.14
C VAL A 76 -3.51 -14.56 18.18
N ALA A 77 -3.19 -15.32 19.22
CA ALA A 77 -4.17 -15.61 20.27
C ALA A 77 -3.47 -15.85 21.61
N MET A 78 -4.14 -15.44 22.69
CA MET A 78 -3.61 -15.62 24.03
C MET A 78 -4.80 -15.61 24.96
N PHE A 79 -4.96 -16.69 25.72
CA PHE A 79 -6.11 -16.81 26.61
C PHE A 79 -5.90 -17.85 27.69
N SER A 80 -6.83 -17.89 28.65
CA SER A 80 -6.80 -18.85 29.74
C SER A 80 -8.13 -19.59 29.74
N THR A 81 -8.10 -20.88 30.07
CA THR A 81 -9.34 -21.64 30.10
C THR A 81 -10.22 -21.18 31.25
N ASP A 82 -11.50 -21.47 31.14
CA ASP A 82 -12.49 -21.13 32.17
C ASP A 82 -13.37 -22.36 32.26
N GLY A 83 -13.30 -23.07 33.38
CA GLY A 83 -14.08 -24.27 33.51
C GLY A 83 -13.40 -25.34 32.67
N GLY A 84 -12.10 -25.18 32.47
CA GLY A 84 -11.32 -26.13 31.71
C GLY A 84 -11.51 -26.07 30.21
N ILE A 85 -12.10 -24.99 29.70
CA ILE A 85 -12.33 -24.87 28.28
C ILE A 85 -12.27 -23.43 27.79
N TYR A 86 -11.94 -23.25 26.51
CA TYR A 86 -11.91 -21.93 25.90
C TYR A 86 -12.19 -22.05 24.41
N ARG A 87 -13.01 -21.14 23.90
CA ARG A 87 -13.39 -21.11 22.49
C ARG A 87 -12.80 -19.88 21.81
N TRP A 88 -11.88 -20.10 20.88
CA TRP A 88 -11.25 -18.99 20.16
C TRP A 88 -11.62 -18.96 18.68
N TYR A 89 -12.32 -17.92 18.26
CA TYR A 89 -12.71 -17.79 16.85
C TYR A 89 -11.47 -17.34 16.09
N ILE A 90 -11.10 -18.12 15.09
CA ILE A 90 -9.90 -17.84 14.31
C ILE A 90 -9.95 -16.58 13.48
N ASN A 91 -9.15 -15.60 13.86
CA ASN A 91 -9.05 -14.31 13.17
C ASN A 91 -7.81 -13.62 13.72
N PHE A 92 -7.15 -12.81 12.89
CA PHE A 92 -5.93 -12.13 13.31
C PHE A 92 -6.07 -10.62 13.57
N GLY A 93 -7.11 -10.23 14.28
CA GLY A 93 -7.30 -8.81 14.54
C GLY A 93 -7.04 -8.42 15.98
N GLU A 94 -6.88 -9.41 16.86
CA GLU A 94 -6.66 -9.15 18.29
C GLU A 94 -5.31 -8.55 18.63
N TYR A 95 -4.26 -9.04 17.97
CA TYR A 95 -2.92 -8.55 18.23
C TYR A 95 -2.41 -7.81 17.00
N VAL A 96 -2.18 -6.52 17.19
CA VAL A 96 -1.80 -5.60 16.14
C VAL A 96 -0.56 -5.81 15.28
N GLN A 97 0.52 -6.37 15.83
CA GLN A 97 1.72 -6.53 15.03
C GLN A 97 1.53 -7.33 13.74
N LEU A 98 1.07 -8.57 13.85
CA LEU A 98 0.86 -9.38 12.65
C LEU A 98 -0.24 -8.79 11.79
N ARG A 99 -1.27 -8.26 12.43
CA ARG A 99 -2.39 -7.66 11.72
C ARG A 99 -1.93 -6.56 10.77
N ALA A 100 -1.12 -5.65 11.28
CA ALA A 100 -0.62 -4.54 10.47
C ALA A 100 0.23 -5.03 9.30
N LYS A 101 0.96 -6.12 9.50
CA LYS A 101 1.81 -6.68 8.43
C LYS A 101 0.95 -7.19 7.27
N LEU A 102 -0.07 -7.98 7.60
CA LEU A 102 -0.93 -8.55 6.57
C LEU A 102 -1.68 -7.48 5.77
N GLU A 103 -2.07 -6.40 6.44
CA GLU A 103 -2.79 -5.33 5.77
C GLU A 103 -1.96 -4.52 4.78
N LEU A 104 -0.72 -4.94 4.55
CA LEU A 104 0.16 -4.28 3.60
C LEU A 104 -0.12 -4.81 2.19
N LEU A 105 -0.93 -5.86 2.13
CA LEU A 105 -1.31 -6.49 0.87
C LEU A 105 -2.84 -6.51 0.80
N THR A 106 -3.39 -6.46 -0.41
CA THR A 106 -4.84 -6.51 -0.54
C THR A 106 -5.28 -7.97 -0.57
N TYR A 107 -4.60 -8.78 -1.37
CA TYR A 107 -4.91 -10.20 -1.50
C TYR A 107 -3.64 -11.02 -1.32
N ALA A 108 -3.77 -12.19 -0.71
CA ALA A 108 -2.61 -13.06 -0.52
C ALA A 108 -3.01 -14.50 -0.29
N ARG A 109 -2.18 -15.41 -0.80
CA ARG A 109 -2.38 -16.84 -0.62
C ARG A 109 -1.19 -17.29 0.19
N PHE A 110 -1.42 -18.16 1.16
CA PHE A 110 -0.32 -18.68 1.93
C PHE A 110 -0.76 -19.82 2.81
N ASP A 111 0.19 -20.67 3.14
CA ASP A 111 -0.07 -21.78 4.04
C ASP A 111 0.34 -21.21 5.38
N MET A 112 0.06 -21.91 6.45
CA MET A 112 0.44 -21.41 7.75
C MET A 112 0.92 -22.49 8.68
N GLU A 113 1.82 -22.10 9.56
CA GLU A 113 2.36 -23.00 10.54
C GLU A 113 1.87 -22.41 11.88
N PHE A 114 1.08 -23.19 12.61
CA PHE A 114 0.60 -22.73 13.91
C PHE A 114 1.41 -23.39 15.01
N THR A 115 1.83 -22.62 16.00
CA THR A 115 2.60 -23.14 17.12
C THR A 115 1.85 -22.79 18.39
N ILE A 116 1.67 -23.78 19.26
CA ILE A 116 0.95 -23.57 20.50
C ILE A 116 1.82 -23.77 21.74
N VAL A 117 1.87 -22.75 22.57
CA VAL A 117 2.65 -22.77 23.80
C VAL A 117 1.67 -22.66 24.96
N ALA A 118 1.64 -23.67 25.83
CA ALA A 118 0.72 -23.66 26.96
C ALA A 118 1.37 -23.95 28.32
N GLN A 119 0.85 -23.31 29.36
CA GLN A 119 1.36 -23.52 30.72
C GLN A 119 0.19 -23.50 31.68
N VAL A 120 0.42 -23.95 32.90
CA VAL A 120 -0.62 -23.95 33.91
C VAL A 120 -0.35 -22.77 34.85
N VAL A 121 -1.41 -22.02 35.17
CA VAL A 121 -1.29 -20.88 36.07
C VAL A 121 -2.37 -20.99 37.15
N ASN A 122 -2.15 -20.41 38.31
CA ASN A 122 -3.15 -20.47 39.38
C ASN A 122 -4.10 -19.28 39.30
N ALA A 123 -4.97 -19.15 40.30
CA ALA A 123 -5.94 -18.06 40.35
C ALA A 123 -5.30 -16.67 40.35
N GLN A 124 -4.13 -16.53 40.97
CA GLN A 124 -3.44 -15.24 41.01
C GLN A 124 -2.57 -15.05 39.78
N SER A 125 -2.77 -15.92 38.79
CA SER A 125 -2.02 -15.86 37.53
C SER A 125 -0.53 -16.10 37.70
N LYS A 126 -0.15 -16.95 38.65
CA LYS A 126 1.25 -17.29 38.85
C LYS A 126 1.47 -18.64 38.17
N VAL A 127 2.53 -18.72 37.37
CA VAL A 127 2.84 -19.94 36.64
C VAL A 127 3.16 -21.11 37.57
N GLN A 128 2.74 -22.30 37.16
CA GLN A 128 2.98 -23.51 37.94
C GLN A 128 3.82 -24.51 37.15
N ASP A 129 4.63 -25.29 37.85
CA ASP A 129 5.44 -26.32 37.21
C ASP A 129 4.53 -27.54 37.33
N PHE A 130 3.64 -27.69 36.36
CA PHE A 130 2.67 -28.77 36.37
C PHE A 130 2.42 -29.23 34.94
N ASN A 131 2.76 -30.49 34.66
CA ASN A 131 2.55 -31.03 33.32
C ASN A 131 1.16 -31.61 33.20
N VAL A 132 0.41 -31.14 32.21
CA VAL A 132 -0.94 -31.63 32.01
C VAL A 132 -1.21 -31.79 30.52
N ASP A 133 -2.04 -32.76 30.18
CA ASP A 133 -2.39 -33.01 28.78
C ASP A 133 -3.49 -32.04 28.38
N TYR A 134 -3.35 -31.46 27.19
CA TYR A 134 -4.36 -30.53 26.69
C TYR A 134 -4.72 -30.91 25.26
N GLN A 135 -5.91 -30.50 24.84
CA GLN A 135 -6.38 -30.81 23.50
C GLN A 135 -6.86 -29.55 22.80
N VAL A 136 -6.41 -29.38 21.57
CA VAL A 136 -6.81 -28.24 20.76
C VAL A 136 -7.56 -28.84 19.57
N MET A 137 -8.85 -28.54 19.47
CA MET A 137 -9.65 -29.07 18.38
C MET A 137 -10.10 -27.98 17.43
N PHE A 138 -9.91 -28.22 16.13
CA PHE A 138 -10.34 -27.28 15.11
C PHE A 138 -11.77 -27.62 14.72
N VAL A 139 -12.68 -26.69 14.95
CA VAL A 139 -14.08 -26.89 14.63
C VAL A 139 -14.49 -26.01 13.45
N PRO A 140 -14.64 -26.60 12.26
CA PRO A 140 -15.02 -25.82 11.07
C PRO A 140 -16.44 -25.27 11.24
N PRO A 141 -16.77 -24.17 10.55
CA PRO A 141 -18.12 -23.60 10.67
C PRO A 141 -19.18 -24.64 10.33
N GLY A 142 -20.19 -24.76 11.17
CA GLY A 142 -21.24 -25.73 10.90
C GLY A 142 -21.15 -26.96 11.81
N ALA A 143 -19.96 -27.22 12.32
CA ALA A 143 -19.77 -28.35 13.22
C ALA A 143 -20.18 -27.88 14.61
N SER A 144 -20.62 -28.81 15.46
CA SER A 144 -21.05 -28.48 16.81
C SER A 144 -19.87 -28.14 17.72
N VAL A 145 -19.97 -27.01 18.42
CA VAL A 145 -18.91 -26.59 19.34
C VAL A 145 -19.20 -27.11 20.75
N PRO A 146 -18.25 -27.82 21.37
CA PRO A 146 -18.45 -28.36 22.72
C PRO A 146 -18.79 -27.29 23.75
N GLU A 147 -19.76 -27.60 24.60
CA GLU A 147 -20.19 -26.67 25.63
C GLU A 147 -19.34 -26.82 26.89
N ASN A 148 -18.94 -28.05 27.19
CA ASN A 148 -18.15 -28.33 28.38
C ASN A 148 -16.84 -29.04 28.10
N GLN A 149 -16.02 -29.13 29.14
CA GLN A 149 -14.72 -29.79 29.09
C GLN A 149 -14.86 -31.27 28.75
N ASP A 150 -16.03 -31.85 29.03
CA ASP A 150 -16.23 -33.28 28.75
C ASP A 150 -17.34 -33.63 27.77
N SER A 151 -17.74 -32.67 26.94
CA SER A 151 -18.79 -32.91 25.95
C SER A 151 -18.35 -33.95 24.91
N TYR A 152 -19.32 -34.57 24.24
CA TYR A 152 -19.03 -35.60 23.25
C TYR A 152 -18.22 -35.15 22.03
N GLN A 153 -18.31 -33.86 21.68
CA GLN A 153 -17.57 -33.38 20.51
C GLN A 153 -16.06 -33.61 20.60
N TRP A 154 -15.55 -33.73 21.82
CA TRP A 154 -14.12 -33.95 22.00
C TRP A 154 -13.66 -35.29 21.46
N GLN A 155 -14.60 -36.16 21.11
CA GLN A 155 -14.27 -37.47 20.53
C GLN A 155 -13.44 -37.19 19.28
N SER A 156 -13.74 -36.04 18.67
CA SER A 156 -13.05 -35.55 17.47
C SER A 156 -12.76 -36.58 16.39
N SER A 157 -13.77 -37.36 15.99
CA SER A 157 -13.57 -38.38 14.97
C SER A 157 -13.40 -37.82 13.56
N CYS A 158 -13.83 -36.58 13.34
CA CYS A 158 -13.71 -35.94 12.04
C CYS A 158 -12.95 -34.62 12.14
N ASN A 159 -13.26 -33.82 13.16
CA ASN A 159 -12.56 -32.56 13.37
C ASN A 159 -11.10 -32.88 13.69
N PRO A 160 -10.17 -32.11 13.14
CA PRO A 160 -8.76 -32.38 13.44
C PRO A 160 -8.50 -31.91 14.88
N SER A 161 -7.72 -32.66 15.63
CA SER A 161 -7.37 -32.28 17.00
C SER A 161 -5.91 -32.56 17.21
N VAL A 162 -5.30 -31.84 18.14
CA VAL A 162 -3.92 -32.08 18.46
C VAL A 162 -3.89 -32.18 19.98
N ILE A 163 -3.35 -33.28 20.48
CA ILE A 163 -3.25 -33.49 21.91
C ILE A 163 -1.78 -33.48 22.30
N SER A 164 -1.43 -32.62 23.25
CA SER A 164 -0.05 -32.56 23.70
C SER A 164 -0.01 -32.37 25.20
N ASN A 165 1.15 -31.99 25.72
CA ASN A 165 1.32 -31.82 27.15
C ASN A 165 2.17 -30.58 27.41
N THR A 166 1.87 -29.87 28.50
CA THR A 166 2.63 -28.66 28.84
C THR A 166 4.07 -29.02 29.16
N GLY A 167 4.32 -30.32 29.31
CA GLY A 167 5.66 -30.79 29.60
C GLY A 167 6.46 -31.12 28.34
N LEU A 168 5.78 -31.10 27.20
CA LEU A 168 6.43 -31.39 25.92
C LEU A 168 6.72 -30.07 25.21
N PRO A 169 7.48 -30.12 24.10
CA PRO A 169 7.76 -28.87 23.38
C PRO A 169 6.44 -28.33 22.83
N PRO A 170 6.40 -27.05 22.43
CA PRO A 170 5.17 -26.48 21.89
C PRO A 170 4.60 -27.34 20.76
N ALA A 171 3.28 -27.43 20.68
CA ALA A 171 2.63 -28.19 19.62
C ALA A 171 2.74 -27.38 18.34
N ARG A 172 2.75 -28.06 17.19
CA ARG A 172 2.87 -27.34 15.92
C ARG A 172 2.31 -28.13 14.73
N VAL A 173 1.52 -27.47 13.91
CA VAL A 173 0.96 -28.11 12.72
C VAL A 173 0.84 -27.08 11.59
N SER A 174 0.89 -27.56 10.35
CA SER A 174 0.76 -26.71 9.18
C SER A 174 -0.66 -26.80 8.64
N VAL A 175 -1.14 -25.71 8.04
CA VAL A 175 -2.46 -25.70 7.44
C VAL A 175 -2.29 -25.11 6.04
N PRO A 176 -3.02 -25.65 5.06
CA PRO A 176 -2.91 -25.16 3.69
C PRO A 176 -3.73 -23.89 3.48
N PHE A 177 -3.73 -23.37 2.25
CA PHE A 177 -4.50 -22.18 1.92
C PHE A 177 -5.94 -22.70 1.84
N MET A 178 -6.73 -22.41 2.87
CA MET A 178 -8.09 -22.92 2.97
C MET A 178 -9.30 -22.11 2.52
N SER A 179 -9.10 -20.87 2.10
CA SER A 179 -10.25 -20.06 1.68
C SER A 179 -11.01 -20.62 0.49
N SER A 180 -12.30 -20.30 0.45
CA SER A 180 -13.17 -20.72 -0.64
C SER A 180 -12.84 -19.80 -1.81
N ALA A 181 -12.19 -18.68 -1.50
CA ALA A 181 -11.78 -17.70 -2.51
C ALA A 181 -10.43 -18.14 -3.08
N ASN A 182 -9.91 -17.40 -4.05
CA ASN A 182 -8.62 -17.75 -4.64
C ASN A 182 -7.46 -17.04 -3.95
N ALA A 183 -7.80 -16.30 -2.90
CA ALA A 183 -6.81 -15.59 -2.11
C ALA A 183 -7.52 -15.01 -0.90
N TYR A 184 -6.80 -14.84 0.21
CA TYR A 184 -7.41 -14.24 1.39
C TYR A 184 -7.47 -12.76 1.03
N SER A 185 -8.40 -12.03 1.61
CA SER A 185 -8.53 -10.61 1.33
C SER A 185 -8.32 -9.83 2.61
N PHE A 186 -7.40 -8.86 2.60
CA PHE A 186 -7.14 -8.08 3.80
C PHE A 186 -7.76 -6.69 3.76
N SER A 187 -8.64 -6.48 2.78
CA SER A 187 -9.39 -5.25 2.63
C SER A 187 -10.59 -5.63 1.76
N TYR A 188 -11.78 -5.39 2.29
CA TYR A 188 -13.01 -5.74 1.57
C TYR A 188 -14.03 -4.60 1.68
N ASP A 189 -14.27 -3.93 0.56
CA ASP A 189 -15.22 -2.84 0.52
C ASP A 189 -16.59 -3.39 0.12
N GLY A 190 -17.22 -4.14 1.03
CA GLY A 190 -18.51 -4.73 0.73
C GLY A 190 -19.21 -5.22 1.98
N TYR A 191 -20.35 -5.88 1.79
CA TYR A 191 -21.12 -6.40 2.91
C TYR A 191 -21.09 -7.92 3.00
N THR A 192 -21.35 -8.44 4.19
CA THR A 192 -21.31 -9.88 4.42
C THR A 192 -22.52 -10.63 3.87
N GLN A 193 -23.57 -9.91 3.50
CA GLN A 193 -24.74 -10.60 2.98
C GLN A 193 -25.68 -9.69 2.23
N PHE A 194 -26.55 -10.30 1.42
CA PHE A 194 -27.53 -9.56 0.64
C PHE A 194 -28.67 -9.20 1.57
N GLY A 195 -29.32 -8.07 1.31
CA GLY A 195 -30.46 -7.65 2.11
C GLY A 195 -30.17 -7.03 3.46
N ASP A 196 -28.91 -6.72 3.73
CA ASP A 196 -28.54 -6.10 4.99
C ASP A 196 -27.45 -5.07 4.74
N THR A 197 -27.69 -3.83 5.15
CA THR A 197 -26.71 -2.78 4.95
C THR A 197 -26.33 -2.11 6.26
N SER A 198 -26.44 -2.85 7.36
CA SER A 198 -26.07 -2.31 8.66
C SER A 198 -24.55 -2.25 8.73
N GLY A 199 -24.03 -1.20 9.36
CA GLY A 199 -22.58 -1.03 9.47
C GLY A 199 -21.82 -2.21 10.05
N SER A 200 -22.45 -2.94 10.98
CA SER A 200 -21.80 -4.08 11.63
C SER A 200 -21.44 -5.21 10.67
N SER A 201 -22.07 -5.22 9.50
CA SER A 201 -21.79 -6.27 8.51
C SER A 201 -21.03 -5.72 7.30
N TYR A 202 -20.32 -4.61 7.49
CA TYR A 202 -19.54 -3.98 6.43
C TYR A 202 -18.04 -4.16 6.66
N GLY A 203 -17.30 -4.33 5.57
CA GLY A 203 -15.84 -4.46 5.65
C GLY A 203 -15.25 -5.77 6.11
N ILE A 204 -16.07 -6.81 6.15
CA ILE A 204 -15.61 -8.13 6.59
C ILE A 204 -15.95 -9.17 5.53
N VAL A 205 -14.95 -9.90 5.04
CA VAL A 205 -15.24 -10.93 4.05
C VAL A 205 -15.29 -12.25 4.82
N PRO A 206 -16.49 -12.86 4.93
CA PRO A 206 -16.72 -14.11 5.65
C PRO A 206 -15.81 -15.28 5.31
N SER A 207 -15.37 -15.36 4.05
CA SER A 207 -14.51 -16.45 3.62
C SER A 207 -13.14 -16.45 4.31
N ASN A 208 -12.83 -15.39 5.03
CA ASN A 208 -11.55 -15.29 5.76
C ASN A 208 -11.67 -16.01 7.11
N TYR A 209 -12.90 -16.32 7.51
CA TYR A 209 -13.14 -16.99 8.80
C TYR A 209 -13.35 -18.48 8.57
N LEU A 210 -12.33 -19.26 8.92
CA LEU A 210 -12.38 -20.71 8.73
C LEU A 210 -12.88 -21.53 9.90
N GLY A 211 -13.27 -20.88 10.98
CA GLY A 211 -13.78 -21.63 12.12
C GLY A 211 -13.20 -21.21 13.44
N MET A 212 -13.06 -22.16 14.35
CA MET A 212 -12.51 -21.83 15.65
C MET A 212 -11.70 -22.96 16.25
N LEU A 213 -10.88 -22.60 17.23
CA LEU A 213 -10.08 -23.56 17.95
C LEU A 213 -10.66 -23.60 19.35
N VAL A 214 -11.02 -24.78 19.80
CA VAL A 214 -11.56 -24.92 21.14
C VAL A 214 -10.51 -25.72 21.92
N VAL A 215 -10.17 -25.24 23.12
CA VAL A 215 -9.15 -25.88 23.93
C VAL A 215 -9.64 -26.35 25.29
N ARG A 216 -9.07 -27.46 25.77
CA ARG A 216 -9.42 -27.99 27.07
C ARG A 216 -8.25 -28.78 27.64
N THR A 217 -8.32 -29.09 28.93
CA THR A 217 -7.31 -29.95 29.53
C THR A 217 -8.08 -31.27 29.45
N CYS A 218 -7.43 -32.36 29.11
CA CYS A 218 -8.12 -33.64 29.00
C CYS A 218 -8.85 -34.06 30.27
N GLU A 219 -8.29 -33.69 31.42
CA GLU A 219 -8.91 -33.99 32.71
C GLU A 219 -8.96 -32.69 33.50
N ASP A 220 -9.79 -32.63 34.54
CA ASP A 220 -9.93 -31.42 35.33
C ASP A 220 -8.76 -31.03 36.22
N LEU A 221 -8.36 -29.77 36.13
CA LEU A 221 -7.29 -29.22 36.96
C LEU A 221 -7.96 -28.84 38.28
N ASP A 222 -7.19 -28.85 39.36
CA ASP A 222 -7.76 -28.51 40.66
C ASP A 222 -7.36 -27.11 41.09
N GLY A 223 -8.26 -26.15 40.84
CA GLY A 223 -8.01 -24.76 41.21
C GLY A 223 -7.12 -23.96 40.27
N THR A 224 -6.55 -24.62 39.28
CA THR A 224 -5.68 -23.93 38.33
C THR A 224 -6.30 -23.88 36.93
N ARG A 225 -5.67 -23.13 36.04
CA ARG A 225 -6.16 -22.98 34.67
C ARG A 225 -5.04 -23.20 33.66
N LEU A 226 -5.41 -23.38 32.40
CA LEU A 226 -4.44 -23.56 31.33
C LEU A 226 -4.31 -22.23 30.59
N ARG A 227 -3.08 -21.74 30.50
CA ARG A 227 -2.78 -20.49 29.80
C ARG A 227 -2.26 -20.90 28.42
N VAL A 228 -2.81 -20.30 27.38
CA VAL A 228 -2.42 -20.66 26.01
C VAL A 228 -2.08 -19.48 25.10
N ARG A 229 -1.03 -19.66 24.31
CA ARG A 229 -0.61 -18.68 23.32
C ARG A 229 -0.55 -19.39 21.99
N VAL A 230 -1.13 -18.77 20.97
CA VAL A 230 -1.11 -19.36 19.63
C VAL A 230 -0.33 -18.42 18.70
N TYR A 231 0.65 -18.98 18.01
CA TYR A 231 1.45 -18.22 17.07
C TYR A 231 1.19 -18.74 15.67
N ALA A 232 1.24 -17.85 14.70
CA ALA A 232 1.01 -18.25 13.32
C ALA A 232 2.14 -17.71 12.45
N LYS A 233 2.56 -18.52 11.48
CA LYS A 233 3.61 -18.14 10.57
C LYS A 233 3.24 -18.46 9.12
N PRO A 234 3.04 -17.41 8.30
CA PRO A 234 2.69 -17.59 6.88
C PRO A 234 3.83 -18.26 6.14
N LYS A 235 3.50 -19.12 5.17
CA LYS A 235 4.52 -19.82 4.38
C LYS A 235 4.05 -19.86 2.94
N HIS A 236 4.99 -19.88 2.00
CA HIS A 236 4.66 -19.96 0.57
C HIS A 236 3.71 -18.83 0.20
N VAL A 237 4.12 -17.61 0.54
CA VAL A 237 3.31 -16.43 0.30
C VAL A 237 3.31 -15.92 -1.13
N LYS A 238 2.11 -15.60 -1.61
CA LYS A 238 1.92 -15.03 -2.94
C LYS A 238 1.02 -13.85 -2.64
N GLY A 239 1.41 -12.66 -3.07
CA GLY A 239 0.60 -11.48 -2.79
C GLY A 239 0.31 -10.55 -3.94
N TRP A 240 -0.78 -9.80 -3.83
CA TRP A 240 -1.20 -8.88 -4.87
C TRP A 240 -1.68 -7.53 -4.32
N ILE A 241 -1.42 -6.48 -5.09
CA ILE A 241 -1.85 -5.13 -4.77
C ILE A 241 -1.45 -4.57 -3.41
N PRO A 242 -0.25 -3.98 -3.34
CA PRO A 242 0.31 -3.38 -2.12
C PRO A 242 -0.63 -2.28 -1.64
N ARG A 243 -0.76 -2.12 -0.33
CA ARG A 243 -1.63 -1.09 0.20
C ARG A 243 -0.91 -0.02 1.01
N SER A 244 -1.59 1.09 1.24
CA SER A 244 -1.07 2.19 2.03
C SER A 244 -1.04 1.64 3.47
N PRO A 245 0.12 1.68 4.14
CA PRO A 245 0.27 1.18 5.51
C PRO A 245 -0.63 1.83 6.56
N ARG A 246 -1.00 1.07 7.58
CA ARG A 246 -1.83 1.60 8.67
C ARG A 246 -1.05 2.76 9.28
N MET A 247 -1.73 3.88 9.55
CA MET A 247 -1.07 5.06 10.11
C MET A 247 -1.77 5.61 11.35
N THR A 248 -2.70 4.82 11.89
CA THR A 248 -3.45 5.19 13.09
C THR A 248 -3.60 3.94 13.95
N PRO A 249 -3.72 4.11 15.28
CA PRO A 249 -3.87 2.94 16.15
C PRO A 249 -5.13 2.14 15.83
N TYR A 250 -5.09 0.83 16.08
CA TYR A 250 -6.26 0.00 15.88
C TYR A 250 -7.11 0.17 17.14
N LYS A 251 -8.42 0.09 16.99
CA LYS A 251 -9.31 0.26 18.14
C LYS A 251 -10.21 -0.95 18.33
N SER A 252 -10.58 -1.58 17.23
CA SER A 252 -11.46 -2.74 17.28
C SER A 252 -10.81 -3.97 16.64
N ARG A 253 -11.22 -5.14 17.12
CA ARG A 253 -10.71 -6.40 16.62
C ARG A 253 -11.24 -6.78 15.24
N TYR A 254 -12.48 -6.40 14.95
CA TYR A 254 -13.09 -6.77 13.66
C TYR A 254 -13.21 -5.67 12.61
N THR A 255 -13.04 -4.42 13.00
CA THR A 255 -13.12 -3.33 12.03
C THR A 255 -11.85 -2.50 12.05
N GLY A 256 -11.67 -1.69 11.01
CA GLY A 256 -10.48 -0.85 10.95
C GLY A 256 -10.77 0.55 11.45
N VAL A 257 -11.84 0.70 12.23
CA VAL A 257 -12.21 2.01 12.76
C VAL A 257 -11.01 2.65 13.46
N TYR A 258 -10.94 3.98 13.39
CA TYR A 258 -9.82 4.69 13.99
C TYR A 258 -10.22 6.06 14.50
N THR A 259 -9.31 6.69 15.24
CA THR A 259 -9.52 8.02 15.79
C THR A 259 -8.84 9.00 14.84
N ASP A 260 -9.57 10.02 14.39
CA ASP A 260 -9.02 11.00 13.47
C ASP A 260 -7.84 11.74 14.10
N THR A 261 -6.90 12.18 13.27
CA THR A 261 -5.74 12.91 13.73
C THR A 261 -5.37 14.01 12.74
N THR A 262 -4.66 15.03 13.21
CA THR A 262 -4.26 16.13 12.34
C THR A 262 -2.78 16.07 11.97
N LYS A 263 -2.10 15.00 12.39
CA LYS A 263 -0.69 14.85 12.08
C LYS A 263 -0.25 13.42 12.30
N PHE A 264 0.81 13.01 11.62
CA PHE A 264 1.33 11.67 11.82
C PHE A 264 2.63 11.79 12.61
N CYS A 265 3.59 12.55 12.10
CA CYS A 265 4.85 12.74 12.81
C CYS A 265 4.72 13.94 13.75
N ALA A 266 5.63 14.03 14.72
CA ALA A 266 5.61 15.14 15.68
C ALA A 266 6.07 16.43 15.00
N ASN A 267 5.66 17.57 15.56
CA ASN A 267 6.03 18.86 15.00
C ASN A 267 7.44 19.29 15.37
N ARG A 268 7.96 20.25 14.62
CA ARG A 268 9.26 20.83 14.86
C ARG A 268 9.05 22.33 14.85
N ALA A 269 10.04 23.08 15.31
CA ALA A 269 9.93 24.54 15.38
C ALA A 269 9.62 25.20 14.04
N ARG A 270 10.40 24.89 13.01
CA ARG A 270 10.20 25.50 11.70
C ARG A 270 10.66 24.60 10.57
N ILE A 271 10.04 24.77 9.40
CA ILE A 271 10.33 23.96 8.22
C ILE A 271 11.76 24.14 7.70
N THR A 272 12.42 25.22 8.10
CA THR A 272 13.78 25.51 7.65
C THR A 272 14.90 25.01 8.57
N THR A 273 14.54 24.32 9.65
CA THR A 273 15.54 23.80 10.57
C THR A 273 15.34 22.29 10.70
N ALA A 274 16.29 21.53 10.14
CA ALA A 274 16.21 20.07 10.17
C ALA A 274 16.59 19.48 11.53
N SER B 1 7.42 13.25 -34.02
CA SER B 1 6.53 12.17 -33.53
C SER B 1 6.61 12.05 -32.01
N ALA B 2 5.47 11.76 -31.37
CA ALA B 2 5.40 11.64 -29.92
C ALA B 2 6.16 10.41 -29.40
N GLU B 3 5.98 9.28 -30.07
CA GLU B 3 6.64 8.04 -29.67
C GLU B 3 8.09 7.97 -30.12
N ALA B 4 8.45 8.83 -31.07
CA ALA B 4 9.82 8.86 -31.59
C ALA B 4 10.78 9.57 -30.65
N CYS B 5 10.40 10.77 -30.19
CA CYS B 5 11.23 11.54 -29.29
C CYS B 5 11.18 11.03 -27.85
N GLY B 6 10.26 10.12 -27.57
CA GLY B 6 10.14 9.54 -26.24
C GLY B 6 9.33 10.30 -25.19
N TYR B 7 8.28 11.01 -25.62
CA TYR B 7 7.44 11.76 -24.70
C TYR B 7 5.96 11.42 -24.89
N SER B 8 5.11 12.01 -24.06
CA SER B 8 3.68 11.78 -24.15
C SER B 8 2.97 13.06 -24.59
N ASP B 9 2.20 12.96 -25.68
CA ASP B 9 1.47 14.11 -26.20
C ASP B 9 0.38 14.53 -25.22
N ARG B 10 0.14 15.83 -25.11
CA ARG B 10 -0.85 16.35 -24.17
C ARG B 10 -2.31 16.23 -24.62
N VAL B 11 -2.54 15.81 -25.86
CA VAL B 11 -3.90 15.65 -26.36
C VAL B 11 -4.26 14.18 -26.33
N ALA B 12 -5.54 13.88 -26.21
CA ALA B 12 -5.98 12.49 -26.17
C ALA B 12 -7.44 12.37 -26.55
N GLN B 13 -7.78 11.21 -27.10
CA GLN B 13 -9.15 10.92 -27.48
C GLN B 13 -9.48 9.51 -27.01
N LEU B 14 -10.59 9.38 -26.31
CA LEU B 14 -11.03 8.09 -25.81
C LEU B 14 -12.37 7.79 -26.47
N THR B 15 -12.41 6.71 -27.25
CA THR B 15 -13.64 6.34 -27.93
C THR B 15 -14.07 4.93 -27.54
N LEU B 16 -15.27 4.83 -26.97
CA LEU B 16 -15.85 3.55 -26.55
C LEU B 16 -17.34 3.59 -26.89
N GLY B 17 -17.80 2.59 -27.63
CA GLY B 17 -19.21 2.55 -28.00
C GLY B 17 -19.60 3.78 -28.81
N ASN B 18 -20.67 4.45 -28.40
CA ASN B 18 -21.13 5.63 -29.10
C ASN B 18 -20.66 6.92 -28.42
N SER B 19 -19.58 6.81 -27.64
CA SER B 19 -19.09 7.97 -26.92
C SER B 19 -17.60 8.26 -27.16
N THR B 20 -17.28 9.54 -27.28
CA THR B 20 -15.91 9.98 -27.50
C THR B 20 -15.57 11.12 -26.55
N ILE B 21 -14.44 10.98 -25.87
CA ILE B 21 -13.98 11.99 -24.93
C ILE B 21 -12.67 12.57 -25.44
N THR B 22 -12.53 13.88 -25.41
CA THR B 22 -11.28 14.50 -25.85
C THR B 22 -10.75 15.43 -24.77
N THR B 23 -9.45 15.68 -24.80
CA THR B 23 -8.81 16.59 -23.87
C THR B 23 -7.57 17.13 -24.57
N GLN B 24 -7.24 18.39 -24.31
CA GLN B 24 -6.05 18.98 -24.94
C GLN B 24 -4.98 19.28 -23.90
N GLU B 25 -5.26 18.88 -22.66
CA GLU B 25 -4.31 19.08 -21.57
C GLU B 25 -4.31 17.87 -20.65
N ALA B 26 -3.86 16.75 -21.20
CA ALA B 26 -3.77 15.50 -20.46
C ALA B 26 -2.34 15.34 -19.98
N ALA B 27 -2.10 14.31 -19.17
CA ALA B 27 -0.76 14.02 -18.66
C ALA B 27 -0.54 12.51 -18.78
N ASN B 28 -0.58 12.03 -20.03
CA ASN B 28 -0.40 10.61 -20.33
C ASN B 28 -1.66 9.87 -19.83
N ILE B 29 -1.64 8.56 -19.92
CA ILE B 29 -2.76 7.74 -19.48
C ILE B 29 -2.21 6.62 -18.60
N VAL B 30 -2.83 6.42 -17.44
CA VAL B 30 -2.39 5.38 -16.53
C VAL B 30 -3.16 4.09 -16.76
N VAL B 31 -2.44 2.97 -16.76
CA VAL B 31 -3.05 1.65 -16.91
C VAL B 31 -2.76 0.94 -15.59
N GLY B 32 -3.76 0.85 -14.73
CA GLY B 32 -3.59 0.23 -13.44
C GLY B 32 -2.80 -1.07 -13.42
N TYR B 33 -1.72 -1.09 -12.64
CA TYR B 33 -0.87 -2.26 -12.51
C TYR B 33 -0.37 -2.76 -13.86
N GLY B 34 -0.35 -1.86 -14.83
CA GLY B 34 0.12 -2.19 -16.17
C GLY B 34 -0.75 -3.20 -16.88
N ARG B 35 -1.98 -3.40 -16.41
CA ARG B 35 -2.86 -4.37 -17.02
C ARG B 35 -4.16 -3.83 -17.60
N TRP B 36 -4.42 -4.13 -18.86
CA TRP B 36 -5.66 -3.71 -19.50
C TRP B 36 -6.72 -4.72 -19.10
N PRO B 37 -8.00 -4.32 -19.13
CA PRO B 37 -9.09 -5.23 -18.77
C PRO B 37 -9.05 -6.47 -19.65
N THR B 38 -9.35 -7.64 -19.08
CA THR B 38 -9.34 -8.89 -19.84
C THR B 38 -10.53 -9.78 -19.47
N SER B 39 -10.90 -10.66 -20.39
CA SER B 39 -12.02 -11.58 -20.18
C SER B 39 -11.60 -12.68 -19.22
N LEU B 40 -12.58 -13.33 -18.61
CA LEU B 40 -12.31 -14.41 -17.67
C LEU B 40 -11.86 -15.69 -18.40
N ARG B 41 -10.71 -16.21 -18.01
CA ARG B 41 -10.15 -17.42 -18.62
C ARG B 41 -10.93 -18.67 -18.21
N ASP B 42 -11.01 -19.65 -19.10
CA ASP B 42 -11.72 -20.89 -18.81
C ASP B 42 -11.12 -21.64 -17.62
N THR B 43 -9.83 -21.41 -17.35
CA THR B 43 -9.16 -22.06 -16.23
C THR B 43 -9.33 -21.32 -14.92
N ASP B 44 -9.90 -20.12 -14.98
CA ASP B 44 -10.13 -19.31 -13.78
C ASP B 44 -11.62 -19.30 -13.42
N ALA B 45 -12.45 -19.48 -14.43
CA ALA B 45 -13.91 -19.46 -14.26
C ALA B 45 -14.43 -20.57 -13.37
N THR B 46 -15.56 -20.31 -12.71
CA THR B 46 -16.18 -21.33 -11.88
C THR B 46 -17.68 -21.43 -12.21
N ALA B 47 -18.36 -20.30 -12.39
CA ALA B 47 -19.78 -20.31 -12.74
C ALA B 47 -19.89 -20.95 -14.13
N VAL B 48 -20.74 -21.97 -14.26
CA VAL B 48 -20.86 -22.71 -15.52
C VAL B 48 -21.79 -22.21 -16.61
N ASP B 49 -22.69 -21.29 -16.30
CA ASP B 49 -23.60 -20.79 -17.34
C ASP B 49 -22.87 -19.89 -18.33
N LYS B 50 -23.34 -19.89 -19.58
CA LYS B 50 -22.73 -19.04 -20.61
C LYS B 50 -22.99 -17.60 -20.17
N PRO B 51 -21.94 -16.78 -20.13
CA PRO B 51 -22.10 -15.38 -19.71
C PRO B 51 -22.74 -14.47 -20.74
N THR B 52 -23.19 -13.32 -20.26
CA THR B 52 -23.77 -12.30 -21.11
C THR B 52 -22.66 -11.26 -21.27
N GLN B 53 -22.43 -10.84 -22.51
CA GLN B 53 -21.42 -9.82 -22.80
C GLN B 53 -22.13 -8.79 -23.67
N PRO B 54 -22.72 -7.76 -23.02
CA PRO B 54 -23.47 -6.66 -23.63
C PRO B 54 -22.77 -5.80 -24.67
N GLY B 55 -21.44 -5.82 -24.67
CA GLY B 55 -20.73 -5.02 -25.65
C GLY B 55 -20.94 -3.52 -25.53
N VAL B 56 -21.09 -2.85 -26.66
CA VAL B 56 -21.26 -1.40 -26.71
C VAL B 56 -22.43 -0.82 -25.90
N SER B 57 -23.46 -1.63 -25.63
CA SER B 57 -24.60 -1.13 -24.88
C SER B 57 -24.21 -0.75 -23.46
N ALA B 58 -23.15 -1.35 -22.93
CA ALA B 58 -22.70 -1.08 -21.57
C ALA B 58 -21.28 -0.53 -21.49
N GLU B 59 -20.46 -0.84 -22.49
CA GLU B 59 -19.09 -0.38 -22.51
C GLU B 59 -18.98 0.93 -23.28
N ARG B 60 -19.29 2.01 -22.56
CA ARG B 60 -19.31 3.36 -23.11
C ARG B 60 -19.18 4.33 -21.94
N PHE B 61 -18.95 5.60 -22.25
CA PHE B 61 -18.78 6.60 -21.19
C PHE B 61 -20.06 7.17 -20.61
N TYR B 62 -20.15 7.11 -19.27
CA TYR B 62 -21.29 7.65 -18.54
C TYR B 62 -20.77 8.84 -17.72
N THR B 63 -21.38 10.01 -17.90
CA THR B 63 -20.96 11.19 -17.14
C THR B 63 -21.86 11.36 -15.93
N LEU B 64 -21.25 11.48 -14.75
CA LEU B 64 -21.98 11.65 -13.50
C LEU B 64 -22.21 13.13 -13.18
N PRO B 65 -23.07 13.42 -12.18
CA PRO B 65 -23.33 14.82 -11.82
C PRO B 65 -22.02 15.49 -11.36
N SER B 66 -21.80 16.72 -11.78
CA SER B 66 -20.58 17.44 -11.42
C SER B 66 -20.53 17.82 -9.95
N VAL B 67 -19.32 18.07 -9.46
CA VAL B 67 -19.09 18.45 -8.08
C VAL B 67 -18.34 19.79 -8.07
N GLN B 68 -18.72 20.70 -7.21
CA GLN B 68 -18.07 22.01 -7.15
C GLN B 68 -16.84 22.03 -6.25
N TRP B 69 -15.76 22.62 -6.75
CA TRP B 69 -14.53 22.73 -5.98
C TRP B 69 -14.71 23.98 -5.11
N THR B 70 -15.40 23.80 -3.98
CA THR B 70 -15.66 24.89 -3.06
C THR B 70 -14.45 25.26 -2.22
N ASN B 71 -14.53 26.37 -1.48
CA ASN B 71 -13.43 26.81 -0.64
C ASN B 71 -13.14 25.80 0.47
N SER B 72 -14.20 25.18 0.97
CA SER B 72 -14.09 24.21 2.04
C SER B 72 -13.99 22.76 1.52
N PHE B 73 -13.85 22.60 0.22
CA PHE B 73 -13.77 21.28 -0.41
C PHE B 73 -12.68 20.39 0.18
N LYS B 74 -13.07 19.22 0.66
CA LYS B 74 -12.13 18.25 1.24
C LYS B 74 -11.86 17.10 0.28
N GLY B 75 -12.72 16.96 -0.72
CA GLY B 75 -12.57 15.88 -1.69
C GLY B 75 -13.90 15.17 -1.89
N HIS B 76 -13.96 14.29 -2.88
CA HIS B 76 -15.19 13.57 -3.20
C HIS B 76 -14.80 12.17 -3.68
N TYR B 77 -15.67 11.19 -3.48
CA TYR B 77 -15.38 9.84 -3.95
C TYR B 77 -16.61 9.13 -4.48
N TRP B 78 -16.37 8.12 -5.31
CA TRP B 78 -17.43 7.32 -5.91
C TRP B 78 -17.02 5.85 -5.83
N LYS B 79 -17.98 4.97 -5.55
CA LYS B 79 -17.70 3.55 -5.50
C LYS B 79 -18.06 2.94 -6.86
N LEU B 80 -17.30 1.94 -7.28
CA LEU B 80 -17.56 1.25 -8.54
C LEU B 80 -17.74 -0.23 -8.23
N PRO B 81 -18.75 -0.88 -8.83
CA PRO B 81 -19.74 -0.36 -9.79
C PRO B 81 -20.93 0.42 -9.22
N ASP B 82 -20.99 0.59 -7.90
CA ASP B 82 -22.11 1.31 -7.28
C ASP B 82 -22.58 2.57 -7.99
N ALA B 83 -21.65 3.46 -8.32
CA ALA B 83 -21.99 4.72 -8.97
C ALA B 83 -22.78 4.60 -10.28
N LEU B 84 -22.61 3.50 -11.00
CA LEU B 84 -23.31 3.31 -12.27
C LEU B 84 -24.38 2.23 -12.19
N SER B 85 -24.65 1.74 -10.99
CA SER B 85 -25.63 0.67 -10.80
C SER B 85 -27.03 0.99 -11.32
N GLU B 86 -27.31 2.25 -11.60
CA GLU B 86 -28.63 2.62 -12.11
C GLU B 86 -28.56 3.46 -13.37
N LEU B 87 -27.47 3.34 -14.10
CA LEU B 87 -27.28 4.10 -15.34
C LEU B 87 -27.20 3.23 -16.57
N GLY B 88 -28.06 3.52 -17.55
CA GLY B 88 -28.06 2.78 -18.80
C GLY B 88 -28.17 1.28 -18.68
N LEU B 89 -27.73 0.59 -19.74
CA LEU B 89 -27.78 -0.86 -19.78
C LEU B 89 -26.72 -1.50 -18.90
N PHE B 90 -25.67 -0.76 -18.54
CA PHE B 90 -24.67 -1.33 -17.66
C PHE B 90 -25.40 -1.61 -16.34
N GLY B 91 -26.14 -0.60 -15.88
CA GLY B 91 -26.88 -0.73 -14.64
C GLY B 91 -27.90 -1.86 -14.70
N GLN B 92 -28.61 -1.96 -15.82
CA GLN B 92 -29.61 -3.00 -15.98
C GLN B 92 -28.97 -4.39 -15.92
N ASN B 93 -27.88 -4.58 -16.64
CA ASN B 93 -27.20 -5.87 -16.63
C ASN B 93 -26.67 -6.20 -15.23
N LEU B 94 -26.24 -5.17 -14.50
CA LEU B 94 -25.73 -5.37 -13.16
C LEU B 94 -26.85 -5.83 -12.22
N GLN B 95 -28.03 -5.24 -12.39
CA GLN B 95 -29.18 -5.57 -11.55
C GLN B 95 -29.79 -6.93 -11.84
N PHE B 96 -29.84 -7.30 -13.12
CA PHE B 96 -30.44 -8.56 -13.54
C PHE B 96 -29.56 -9.79 -13.35
N HIS B 97 -28.28 -9.60 -13.02
CA HIS B 97 -27.38 -10.74 -12.81
C HIS B 97 -26.80 -10.80 -11.42
N TYR B 98 -26.57 -12.02 -10.95
CA TYR B 98 -25.97 -12.22 -9.64
C TYR B 98 -24.49 -11.85 -9.74
N LEU B 99 -23.83 -12.31 -10.79
CA LEU B 99 -22.41 -12.07 -10.98
C LEU B 99 -22.03 -11.06 -12.07
N TYR B 100 -20.97 -10.31 -11.80
CA TYR B 100 -20.47 -9.30 -12.71
C TYR B 100 -18.94 -9.25 -12.63
N ARG B 101 -18.32 -8.89 -13.75
CA ARG B 101 -16.88 -8.77 -13.85
C ARG B 101 -16.63 -7.72 -14.92
N GLY B 102 -15.68 -6.82 -14.68
CA GLY B 102 -15.39 -5.80 -15.66
C GLY B 102 -14.29 -4.83 -15.28
N GLY B 103 -13.80 -4.09 -16.27
CA GLY B 103 -12.76 -3.12 -16.04
C GLY B 103 -13.35 -1.73 -16.20
N TRP B 104 -12.50 -0.70 -16.19
CA TRP B 104 -12.99 0.67 -16.33
C TRP B 104 -12.01 1.60 -17.02
N VAL B 105 -12.57 2.69 -17.54
CA VAL B 105 -11.77 3.75 -18.13
C VAL B 105 -12.37 4.96 -17.43
N ILE B 106 -11.56 5.65 -16.64
CA ILE B 106 -12.03 6.81 -15.89
C ILE B 106 -11.39 8.08 -16.40
N HIS B 107 -12.22 9.12 -16.58
CA HIS B 107 -11.72 10.41 -17.05
C HIS B 107 -12.25 11.52 -16.14
N VAL B 108 -11.36 12.14 -15.38
CA VAL B 108 -11.73 13.21 -14.46
C VAL B 108 -11.40 14.54 -15.12
N GLN B 109 -12.36 15.46 -15.09
CA GLN B 109 -12.21 16.75 -15.75
C GLN B 109 -12.34 17.94 -14.81
N CYS B 110 -11.41 18.88 -14.93
CA CYS B 110 -11.43 20.09 -14.12
C CYS B 110 -10.55 21.14 -14.75
N ASN B 111 -11.18 22.11 -15.40
CA ASN B 111 -10.43 23.18 -16.04
C ASN B 111 -10.64 24.49 -15.28
N ALA B 112 -9.64 25.35 -15.32
CA ALA B 112 -9.69 26.65 -14.68
C ALA B 112 -9.05 27.59 -15.68
N THR B 113 -8.02 28.32 -15.29
CA THR B 113 -7.33 29.21 -16.23
C THR B 113 -5.88 29.30 -15.80
N LYS B 114 -5.09 30.01 -16.59
CA LYS B 114 -3.68 30.20 -16.28
C LYS B 114 -3.55 31.20 -15.13
N PHE B 115 -4.69 31.65 -14.60
CA PHE B 115 -4.73 32.59 -13.49
C PHE B 115 -5.18 31.88 -12.21
N HIS B 116 -5.35 30.57 -12.28
CA HIS B 116 -5.76 29.78 -11.11
C HIS B 116 -4.64 28.83 -10.70
N GLN B 117 -4.64 28.41 -9.45
CA GLN B 117 -3.66 27.42 -8.98
C GLN B 117 -4.39 26.47 -8.06
N GLY B 118 -4.00 25.19 -8.12
CA GLY B 118 -4.63 24.18 -7.29
C GLY B 118 -4.19 22.82 -7.78
N THR B 119 -4.32 21.82 -6.93
CA THR B 119 -3.91 20.48 -7.31
C THR B 119 -4.81 19.41 -6.71
N LEU B 120 -5.32 18.56 -7.58
CA LEU B 120 -6.19 17.47 -7.18
C LEU B 120 -5.51 16.13 -7.38
N LEU B 121 -5.61 15.25 -6.39
CA LEU B 121 -5.06 13.91 -6.53
C LEU B 121 -6.24 13.09 -7.03
N VAL B 122 -6.05 12.38 -8.13
CA VAL B 122 -7.11 11.54 -8.70
C VAL B 122 -6.61 10.11 -8.55
N VAL B 123 -7.17 9.38 -7.59
CA VAL B 123 -6.74 8.01 -7.35
C VAL B 123 -7.86 6.98 -7.36
N ALA B 124 -7.54 5.82 -7.94
CA ALA B 124 -8.47 4.69 -8.00
C ALA B 124 -7.93 3.66 -7.01
N THR B 125 -8.64 3.45 -5.92
CA THR B 125 -8.21 2.54 -4.87
C THR B 125 -8.99 1.24 -4.80
N PRO B 126 -8.29 0.10 -4.85
CA PRO B 126 -8.97 -1.20 -4.78
C PRO B 126 -9.42 -1.46 -3.34
N GLU B 127 -10.62 -1.98 -3.16
CA GLU B 127 -11.12 -2.30 -1.82
C GLU B 127 -10.95 -1.15 -0.84
N HIS B 128 -11.44 0.03 -1.20
CA HIS B 128 -11.32 1.20 -0.34
C HIS B 128 -12.45 1.26 0.68
N LYS B 129 -12.14 0.95 1.93
CA LYS B 129 -13.14 0.96 2.99
C LYS B 129 -13.34 2.33 3.63
N ILE B 130 -14.60 2.71 3.84
CA ILE B 130 -14.93 3.97 4.49
C ILE B 130 -15.18 3.57 5.93
N GLN B 131 -14.12 3.52 6.73
CA GLN B 131 -14.22 3.06 8.11
C GLN B 131 -13.86 4.06 9.21
N SER B 132 -14.16 5.32 9.00
CA SER B 132 -13.87 6.34 10.00
C SER B 132 -14.89 6.30 11.14
N ALA B 133 -16.01 5.62 10.89
CA ALA B 133 -17.08 5.50 11.89
C ALA B 133 -17.21 4.09 12.46
N GLU B 134 -17.62 4.00 13.72
CA GLU B 134 -17.80 2.72 14.40
C GLU B 134 -18.73 1.84 13.56
N SER B 135 -19.82 2.43 13.09
CA SER B 135 -20.79 1.73 12.26
C SER B 135 -21.04 2.56 11.01
N PRO B 136 -20.28 2.30 9.93
CA PRO B 136 -20.40 3.02 8.66
C PRO B 136 -21.83 3.11 8.13
N ALA B 137 -22.21 4.31 7.69
CA ALA B 137 -23.54 4.53 7.14
C ALA B 137 -23.59 4.09 5.68
N PHE B 138 -24.66 3.40 5.31
CA PHE B 138 -24.83 2.93 3.94
C PHE B 138 -24.74 4.10 2.95
N ALA B 139 -25.25 5.25 3.36
CA ALA B 139 -25.22 6.43 2.49
C ALA B 139 -23.78 6.82 2.14
N ARG B 140 -22.82 6.45 2.98
CA ARG B 140 -21.43 6.79 2.71
C ARG B 140 -20.63 5.65 2.09
N THR B 141 -21.03 4.40 2.34
CA THR B 141 -20.31 3.26 1.75
C THR B 141 -20.76 3.06 0.31
N ASN B 142 -22.01 3.44 0.02
CA ASN B 142 -22.59 3.32 -1.32
C ASN B 142 -23.36 4.59 -1.63
N PRO B 143 -22.64 5.69 -1.91
CA PRO B 143 -23.22 7.00 -2.24
C PRO B 143 -23.91 7.13 -3.59
N GLY B 144 -23.84 6.11 -4.43
CA GLY B 144 -24.49 6.18 -5.72
C GLY B 144 -23.80 7.13 -6.70
N GLU B 145 -24.53 7.51 -7.75
CA GLU B 145 -23.98 8.38 -8.79
C GLU B 145 -23.58 9.78 -8.32
N GLN B 146 -24.17 10.24 -7.22
CA GLN B 146 -23.85 11.55 -6.69
C GLN B 146 -22.49 11.53 -5.99
N GLY B 147 -22.06 10.34 -5.57
CA GLY B 147 -20.80 10.23 -4.86
C GLY B 147 -20.96 10.82 -3.47
N ALA B 148 -19.89 10.81 -2.68
CA ALA B 148 -19.96 11.36 -1.33
C ALA B 148 -18.77 12.26 -1.06
N ALA B 149 -18.97 13.24 -0.18
CA ALA B 149 -17.90 14.16 0.16
C ALA B 149 -16.97 13.51 1.18
N TYR B 150 -15.70 13.85 1.10
CA TYR B 150 -14.71 13.32 2.05
C TYR B 150 -14.92 14.08 3.35
N GLN B 151 -14.69 13.42 4.48
CA GLN B 151 -14.79 14.06 5.78
C GLN B 151 -13.44 13.97 6.45
N PHE B 152 -12.69 12.92 6.09
CA PHE B 152 -11.37 12.68 6.67
C PHE B 152 -10.33 12.39 5.58
N PRO B 153 -10.01 13.39 4.75
CA PRO B 153 -9.04 13.22 3.68
C PRO B 153 -7.62 12.86 4.14
N PHE B 154 -7.13 13.51 5.20
CA PHE B 154 -5.79 13.25 5.69
C PHE B 154 -5.55 11.77 6.01
N THR B 155 -6.57 11.11 6.53
CA THR B 155 -6.45 9.69 6.87
C THR B 155 -7.10 8.80 5.81
N PHE B 156 -7.42 9.38 4.66
CA PHE B 156 -7.99 8.65 3.53
C PHE B 156 -9.25 7.86 3.89
N GLU B 157 -9.97 8.30 4.92
CA GLU B 157 -11.19 7.64 5.37
C GLU B 157 -10.98 6.20 5.86
N ASP B 158 -9.75 5.71 5.85
CA ASP B 158 -9.50 4.33 6.28
C ASP B 158 -8.39 4.14 7.29
N GLY B 159 -7.85 5.23 7.82
CA GLY B 159 -6.80 5.10 8.83
C GLY B 159 -5.38 4.98 8.31
N THR B 160 -5.18 5.34 7.04
CA THR B 160 -3.86 5.30 6.42
C THR B 160 -3.47 6.74 6.07
N ALA B 161 -2.25 6.94 5.57
CA ALA B 161 -1.81 8.28 5.22
C ALA B 161 -2.19 8.65 3.79
N LEU B 162 -2.83 9.81 3.64
CA LEU B 162 -3.24 10.30 2.33
C LEU B 162 -2.05 10.29 1.38
N GLY B 163 -0.90 10.76 1.87
CA GLY B 163 0.31 10.80 1.07
C GLY B 163 0.78 9.48 0.50
N ASN B 164 0.32 8.37 1.07
CA ASN B 164 0.73 7.06 0.56
C ASN B 164 -0.29 6.45 -0.39
N ALA B 165 -1.34 7.20 -0.69
CA ALA B 165 -2.37 6.72 -1.61
C ALA B 165 -1.78 6.57 -3.01
N LEU B 166 -0.58 7.13 -3.20
CA LEU B 166 0.08 7.07 -4.50
C LEU B 166 0.51 5.65 -4.86
N ILE B 167 0.38 4.72 -3.91
CA ILE B 167 0.75 3.33 -4.17
C ILE B 167 -0.34 2.69 -5.05
N TYR B 168 -1.46 3.40 -5.19
CA TYR B 168 -2.57 2.94 -6.03
C TYR B 168 -2.54 3.70 -7.34
N PRO B 169 -3.16 3.16 -8.40
CA PRO B 169 -3.18 3.84 -9.70
C PRO B 169 -3.70 5.27 -9.52
N HIS B 170 -2.97 6.25 -10.02
CA HIS B 170 -3.39 7.65 -9.84
C HIS B 170 -2.72 8.59 -10.82
N GLN B 171 -3.21 9.83 -10.80
CA GLN B 171 -2.67 10.93 -11.59
C GLN B 171 -3.01 12.17 -10.79
N TRP B 172 -2.53 13.32 -11.24
CA TRP B 172 -2.85 14.56 -10.55
C TRP B 172 -3.38 15.53 -11.57
N VAL B 173 -4.26 16.41 -11.13
CA VAL B 173 -4.75 17.45 -12.00
C VAL B 173 -4.17 18.69 -11.33
N ASN B 174 -3.06 19.17 -11.87
CA ASN B 174 -2.36 20.34 -11.37
C ASN B 174 -2.72 21.43 -12.39
N LEU B 175 -3.61 22.33 -11.99
CA LEU B 175 -4.12 23.37 -12.88
C LEU B 175 -3.14 24.04 -13.83
N ARG B 176 -1.91 24.28 -13.39
CA ARG B 176 -0.94 24.94 -14.27
C ARG B 176 -0.45 23.99 -15.37
N THR B 177 -0.66 22.69 -15.16
CA THR B 177 -0.19 21.67 -16.10
C THR B 177 -1.23 20.97 -16.95
N ASN B 178 -2.30 20.48 -16.33
CA ASN B 178 -3.33 19.74 -17.05
C ASN B 178 -4.72 20.01 -16.49
N ASN B 179 -5.74 19.63 -17.25
CA ASN B 179 -7.12 19.83 -16.82
C ASN B 179 -7.90 18.53 -16.76
N SER B 180 -7.19 17.41 -16.91
CA SER B 180 -7.87 16.12 -16.87
C SER B 180 -6.92 15.00 -16.49
N ALA B 181 -7.50 13.91 -15.98
CA ALA B 181 -6.75 12.73 -15.59
C ALA B 181 -7.49 11.53 -16.18
N THR B 182 -6.74 10.56 -16.68
CA THR B 182 -7.34 9.37 -17.28
C THR B 182 -6.69 8.11 -16.75
N LEU B 183 -7.53 7.19 -16.28
CA LEU B 183 -7.05 5.92 -15.73
C LEU B 183 -7.81 4.73 -16.31
N VAL B 184 -7.06 3.72 -16.74
CA VAL B 184 -7.65 2.49 -17.25
C VAL B 184 -7.44 1.48 -16.13
N LEU B 185 -8.53 0.85 -15.68
CA LEU B 185 -8.46 -0.09 -14.57
C LEU B 185 -8.92 -1.50 -14.92
N PRO B 186 -8.10 -2.52 -14.58
CA PRO B 186 -8.50 -3.90 -14.86
C PRO B 186 -9.37 -4.37 -13.69
N TYR B 187 -10.04 -5.49 -13.87
CA TYR B 187 -10.86 -6.03 -12.79
C TYR B 187 -9.91 -6.56 -11.73
N VAL B 188 -10.15 -6.24 -10.46
CA VAL B 188 -9.31 -6.76 -9.38
C VAL B 188 -10.21 -7.33 -8.30
N ASN B 189 -9.91 -8.55 -7.86
CA ASN B 189 -10.69 -9.23 -6.82
C ASN B 189 -10.00 -10.54 -6.50
N ALA B 190 -10.36 -11.15 -5.39
CA ALA B 190 -9.78 -12.43 -4.98
C ALA B 190 -10.64 -13.56 -5.55
N LEU B 191 -11.60 -13.19 -6.39
CA LEU B 191 -12.53 -14.12 -7.02
C LEU B 191 -12.61 -13.81 -8.52
N PRO B 192 -13.01 -14.80 -9.34
CA PRO B 192 -13.12 -14.55 -10.78
C PRO B 192 -14.24 -13.57 -11.15
N MET B 193 -15.30 -13.58 -10.35
CA MET B 193 -16.46 -12.70 -10.54
C MET B 193 -17.07 -12.45 -9.17
N ASP B 194 -17.94 -11.45 -9.06
CA ASP B 194 -18.55 -11.16 -7.77
C ASP B 194 -19.87 -10.41 -7.98
N SER B 195 -20.58 -10.15 -6.90
CA SER B 195 -21.85 -9.44 -6.97
C SER B 195 -21.64 -7.93 -7.06
N GLY B 196 -22.26 -7.31 -8.05
CA GLY B 196 -22.12 -5.88 -8.21
C GLY B 196 -22.99 -5.06 -7.27
N ILE B 197 -23.83 -5.72 -6.47
CA ILE B 197 -24.68 -4.99 -5.54
C ILE B 197 -24.28 -5.24 -4.09
N ARG B 198 -23.19 -5.96 -3.86
CA ARG B 198 -22.76 -6.24 -2.49
C ARG B 198 -21.31 -5.89 -2.27
N HIS B 199 -20.58 -5.67 -3.36
CA HIS B 199 -19.16 -5.40 -3.28
C HIS B 199 -18.68 -4.37 -4.30
N ASN B 200 -17.91 -3.38 -3.85
CA ASN B 200 -17.36 -2.38 -4.75
C ASN B 200 -15.86 -2.62 -4.84
N ASN B 201 -15.41 -3.02 -6.02
CA ASN B 201 -14.00 -3.33 -6.24
C ASN B 201 -13.06 -2.13 -6.23
N TRP B 202 -13.52 -1.01 -6.78
CA TRP B 202 -12.70 0.19 -6.83
C TRP B 202 -13.43 1.41 -6.27
N THR B 203 -12.65 2.38 -5.82
CA THR B 203 -13.21 3.64 -5.33
C THR B 203 -12.40 4.76 -5.98
N LEU B 204 -13.11 5.65 -6.67
CA LEU B 204 -12.46 6.78 -7.33
C LEU B 204 -12.53 7.97 -6.39
N SER B 205 -11.37 8.53 -6.04
CA SER B 205 -11.31 9.69 -5.17
C SER B 205 -10.66 10.86 -5.88
N VAL B 206 -11.19 12.06 -5.64
CA VAL B 206 -10.63 13.28 -6.21
C VAL B 206 -10.44 14.16 -4.97
N ILE B 207 -9.18 14.34 -4.59
CA ILE B 207 -8.86 15.08 -3.38
C ILE B 207 -7.97 16.29 -3.59
N PRO B 208 -8.41 17.46 -3.11
CA PRO B 208 -7.60 18.68 -3.26
C PRO B 208 -6.48 18.66 -2.22
N ILE B 209 -5.23 18.67 -2.68
CA ILE B 209 -4.11 18.67 -1.75
C ILE B 209 -3.53 20.07 -1.70
N VAL B 210 -3.72 20.82 -2.78
CA VAL B 210 -3.28 22.21 -2.83
C VAL B 210 -4.58 22.95 -3.15
N PRO B 211 -5.08 23.75 -2.20
CA PRO B 211 -6.32 24.51 -2.35
C PRO B 211 -6.41 25.38 -3.60
N LEU B 212 -7.63 25.53 -4.09
CA LEU B 212 -7.87 26.35 -5.28
C LEU B 212 -7.73 27.83 -4.93
N GLU B 213 -6.84 28.52 -5.63
CA GLU B 213 -6.63 29.95 -5.42
C GLU B 213 -6.55 30.59 -6.80
N TYR B 214 -6.74 31.89 -6.87
CA TYR B 214 -6.71 32.56 -8.16
C TYR B 214 -6.57 34.07 -8.07
N ALA B 215 -6.19 34.67 -9.19
CA ALA B 215 -6.04 36.12 -9.26
C ALA B 215 -7.39 36.70 -8.87
N ALA B 216 -7.36 37.76 -8.06
CA ALA B 216 -8.59 38.39 -7.59
C ALA B 216 -9.52 38.77 -8.74
N GLY B 217 -10.78 38.32 -8.64
CA GLY B 217 -11.75 38.64 -9.67
C GLY B 217 -12.01 37.58 -10.71
N ALA B 218 -11.21 36.52 -10.71
CA ALA B 218 -11.39 35.45 -11.69
C ALA B 218 -12.61 34.60 -11.35
N THR B 219 -13.03 33.75 -12.28
CA THR B 219 -14.18 32.88 -12.06
C THR B 219 -13.93 32.06 -10.79
N THR B 220 -14.91 32.05 -9.90
CA THR B 220 -14.79 31.32 -8.64
C THR B 220 -15.48 29.96 -8.67
N TYR B 221 -16.41 29.80 -9.60
CA TYR B 221 -17.19 28.56 -9.72
C TYR B 221 -16.48 27.56 -10.63
N VAL B 222 -15.76 26.61 -10.02
CA VAL B 222 -15.00 25.61 -10.77
C VAL B 222 -15.48 24.19 -10.49
N PRO B 223 -16.20 23.59 -11.44
CA PRO B 223 -16.70 22.22 -11.26
C PRO B 223 -15.66 21.14 -11.55
N ILE B 224 -15.93 19.95 -11.02
CA ILE B 224 -15.09 18.78 -11.26
C ILE B 224 -16.08 17.77 -11.82
N THR B 225 -15.75 17.18 -12.96
CA THR B 225 -16.63 16.22 -13.59
C THR B 225 -15.98 14.87 -13.81
N VAL B 226 -16.73 13.81 -13.55
CA VAL B 226 -16.24 12.46 -13.70
C VAL B 226 -17.03 11.71 -14.77
N THR B 227 -16.30 11.11 -15.71
CA THR B 227 -16.89 10.34 -16.80
C THR B 227 -16.26 8.96 -16.73
N ILE B 228 -17.08 7.94 -16.62
CA ILE B 228 -16.60 6.58 -16.45
C ILE B 228 -17.20 5.59 -17.45
N ALA B 229 -16.38 4.69 -17.95
CA ALA B 229 -16.85 3.69 -18.89
C ALA B 229 -16.49 2.28 -18.47
N PRO B 230 -17.49 1.38 -18.39
CA PRO B 230 -17.22 0.00 -18.02
C PRO B 230 -16.46 -0.53 -19.24
N MET B 231 -15.57 -1.50 -19.04
CA MET B 231 -14.83 -2.03 -20.17
C MET B 231 -14.60 -3.52 -20.00
N CYS B 232 -14.80 -4.27 -21.08
CA CYS B 232 -14.63 -5.71 -21.08
C CYS B 232 -15.44 -6.35 -19.93
N THR B 233 -16.75 -6.21 -20.01
CA THR B 233 -17.63 -6.72 -18.96
C THR B 233 -18.34 -8.01 -19.32
N GLU B 234 -18.69 -8.79 -18.31
CA GLU B 234 -19.44 -10.02 -18.52
C GLU B 234 -20.27 -10.31 -17.28
N TYR B 235 -21.42 -10.95 -17.48
CA TYR B 235 -22.33 -11.24 -16.38
C TYR B 235 -22.82 -12.69 -16.39
N ASN B 236 -23.08 -13.21 -15.19
CA ASN B 236 -23.58 -14.58 -15.02
C ASN B 236 -24.66 -14.63 -13.95
N GLY B 237 -25.47 -15.68 -13.97
CA GLY B 237 -26.52 -15.84 -12.98
C GLY B 237 -27.71 -14.93 -13.19
N LEU B 238 -28.34 -15.04 -14.35
CA LEU B 238 -29.49 -14.22 -14.69
C LEU B 238 -30.73 -14.55 -13.85
N ARG B 239 -31.50 -13.51 -13.52
CA ARG B 239 -32.72 -13.64 -12.73
C ARG B 239 -33.43 -12.29 -12.81
N ALA B 240 -34.41 -12.05 -11.94
CA ALA B 240 -35.11 -10.78 -11.94
C ALA B 240 -34.14 -9.71 -11.46
N ALA B 241 -34.48 -8.44 -11.69
CA ALA B 241 -33.61 -7.34 -11.27
C ALA B 241 -33.58 -7.20 -9.75
N VAL B 242 -32.38 -7.02 -9.21
CA VAL B 242 -32.20 -6.86 -7.77
C VAL B 242 -31.16 -5.79 -7.51
N THR B 243 -31.50 -4.83 -6.64
CA THR B 243 -30.56 -3.76 -6.28
C THR B 243 -30.23 -3.94 -4.79
N GLN B 244 -29.14 -3.31 -4.33
CA GLN B 244 -28.77 -3.45 -2.93
C GLN B 244 -29.77 -2.78 -1.99
N GLY C 1 16.87 -49.40 16.10
CA GLY C 1 16.91 -47.92 16.25
C GLY C 1 18.27 -47.33 15.92
N ILE C 2 18.28 -46.35 15.02
CA ILE C 2 19.52 -45.68 14.63
C ILE C 2 20.02 -44.84 15.80
N PRO C 3 21.29 -45.01 16.18
CA PRO C 3 21.81 -44.22 17.31
C PRO C 3 21.84 -42.74 16.95
N THR C 4 21.31 -41.92 17.84
CA THR C 4 21.29 -40.48 17.62
C THR C 4 21.67 -39.77 18.92
N LEU C 5 22.03 -38.51 18.80
CA LEU C 5 22.41 -37.70 19.95
C LEU C 5 21.73 -36.36 19.77
N TYR C 6 20.74 -36.04 20.60
CA TYR C 6 20.08 -34.75 20.42
C TYR C 6 20.92 -33.66 21.04
N THR C 7 20.90 -32.50 20.38
CA THR C 7 21.73 -31.36 20.75
C THR C 7 21.04 -30.14 21.34
N PRO C 8 21.84 -29.14 21.77
CA PRO C 8 21.28 -27.91 22.34
C PRO C 8 20.37 -27.29 21.28
N GLY C 9 19.28 -26.69 21.72
CA GLY C 9 18.34 -26.09 20.78
C GLY C 9 17.12 -26.99 20.64
N SER C 10 17.30 -28.27 20.98
CA SER C 10 16.21 -29.22 20.89
C SER C 10 15.00 -28.76 21.68
N GLY C 11 13.83 -28.80 21.04
CA GLY C 11 12.61 -28.40 21.70
C GLY C 11 12.32 -26.90 21.70
N GLN C 12 13.30 -26.10 21.33
CA GLN C 12 13.09 -24.65 21.34
C GLN C 12 12.18 -24.21 20.20
N PHE C 13 11.54 -23.07 20.40
CA PHE C 13 10.65 -22.49 19.40
C PHE C 13 11.26 -21.17 18.96
N LEU C 14 12.02 -21.21 17.86
CA LEU C 14 12.64 -20.02 17.28
C LEU C 14 11.62 -19.51 16.26
N THR C 15 11.13 -18.29 16.45
CA THR C 15 10.10 -17.76 15.55
C THR C 15 10.51 -17.69 14.09
N THR C 16 11.81 -17.66 13.83
CA THR C 16 12.29 -17.60 12.46
C THR C 16 12.75 -18.95 11.94
N ASP C 17 12.48 -20.02 12.70
CA ASP C 17 12.91 -21.35 12.24
C ASP C 17 12.21 -21.72 10.94
N ASP C 18 12.71 -22.74 10.26
CA ASP C 18 12.14 -23.14 8.98
C ASP C 18 12.19 -24.65 8.78
N PHE C 19 11.29 -25.36 9.44
CA PHE C 19 11.23 -26.81 9.35
C PHE C 19 9.96 -27.26 8.63
N GLN C 20 9.93 -28.54 8.28
CA GLN C 20 8.76 -29.13 7.64
C GLN C 20 7.94 -29.69 8.80
N THR C 21 6.63 -29.61 8.73
CA THR C 21 5.80 -30.15 9.80
C THR C 21 4.54 -30.79 9.24
N PRO C 22 3.98 -31.77 9.97
CA PRO C 22 2.77 -32.44 9.50
C PRO C 22 1.64 -31.45 9.25
N CYS C 23 0.86 -31.70 8.21
CA CYS C 23 -0.24 -30.84 7.85
C CYS C 23 -1.53 -31.30 8.53
N MET C 24 -2.35 -30.35 8.96
CA MET C 24 -3.61 -30.66 9.61
C MET C 24 -4.57 -31.35 8.63
N LEU C 25 -4.49 -30.97 7.36
CA LEU C 25 -5.34 -31.53 6.31
C LEU C 25 -4.41 -32.02 5.19
N PRO C 26 -3.81 -33.21 5.38
CA PRO C 26 -2.88 -33.80 4.42
C PRO C 26 -3.35 -34.01 2.98
N LYS C 27 -4.64 -34.20 2.76
CA LYS C 27 -5.12 -34.42 1.40
C LYS C 27 -5.88 -33.23 0.80
N PHE C 28 -5.88 -32.12 1.54
CA PHE C 28 -6.57 -30.91 1.07
C PHE C 28 -6.02 -30.40 -0.25
N GLN C 29 -6.90 -29.94 -1.12
CA GLN C 29 -6.53 -29.41 -2.43
C GLN C 29 -7.10 -27.99 -2.56
N PRO C 30 -6.23 -26.98 -2.47
CA PRO C 30 -6.59 -25.56 -2.56
C PRO C 30 -7.24 -25.11 -3.85
N THR C 31 -7.93 -23.98 -3.80
CA THR C 31 -8.57 -23.42 -4.98
C THR C 31 -7.45 -23.03 -5.94
N PRO C 32 -7.74 -22.99 -7.24
CA PRO C 32 -6.70 -22.62 -8.20
C PRO C 32 -6.25 -21.18 -8.08
N VAL C 33 -5.02 -20.92 -8.49
CA VAL C 33 -4.48 -19.57 -8.47
C VAL C 33 -5.04 -18.92 -9.73
N ILE C 34 -5.74 -17.81 -9.59
CA ILE C 34 -6.30 -17.17 -10.76
C ILE C 34 -5.48 -15.94 -11.12
N ASP C 35 -5.77 -15.38 -12.29
CA ASP C 35 -5.07 -14.20 -12.76
C ASP C 35 -5.56 -12.93 -12.07
N ILE C 36 -4.72 -12.37 -11.20
CA ILE C 36 -5.05 -11.14 -10.49
C ILE C 36 -3.96 -10.12 -10.79
N PRO C 37 -4.34 -8.92 -11.23
CA PRO C 37 -3.35 -7.89 -11.54
C PRO C 37 -2.59 -7.44 -10.28
N GLY C 38 -1.43 -6.83 -10.49
CA GLY C 38 -0.65 -6.30 -9.38
C GLY C 38 0.09 -7.23 -8.44
N GLU C 39 0.58 -8.37 -8.93
CA GLU C 39 1.31 -9.25 -8.03
C GLU C 39 2.63 -8.61 -7.62
N VAL C 40 2.97 -8.73 -6.35
CA VAL C 40 4.22 -8.18 -5.85
C VAL C 40 5.02 -9.35 -5.25
N LYS C 41 6.31 -9.40 -5.55
CA LYS C 41 7.15 -10.48 -5.03
C LYS C 41 8.14 -10.02 -3.98
N ASN C 42 8.43 -8.73 -3.96
CA ASN C 42 9.40 -8.19 -3.04
C ASN C 42 8.98 -6.76 -2.70
N PHE C 43 9.04 -6.39 -1.43
CA PHE C 43 8.64 -5.05 -1.06
C PHE C 43 9.54 -3.93 -1.57
N LEU C 44 10.64 -4.29 -2.22
CA LEU C 44 11.51 -3.27 -2.80
C LEU C 44 10.74 -2.62 -3.93
N GLU C 45 9.77 -3.36 -4.47
CA GLU C 45 8.93 -2.86 -5.56
C GLU C 45 8.05 -1.73 -5.05
N VAL C 46 7.72 -1.78 -3.76
CA VAL C 46 6.86 -0.76 -3.15
C VAL C 46 7.60 0.51 -2.74
N VAL C 47 8.76 0.36 -2.10
CA VAL C 47 9.52 1.54 -1.67
C VAL C 47 10.05 2.37 -2.84
N GLN C 48 10.01 1.81 -4.04
CA GLN C 48 10.48 2.54 -5.21
C GLN C 48 9.36 3.43 -5.77
N VAL C 49 8.17 3.33 -5.18
CA VAL C 49 7.04 4.15 -5.60
C VAL C 49 7.08 5.43 -4.75
N GLU C 50 6.96 6.58 -5.40
CA GLU C 50 6.98 7.87 -4.71
C GLU C 50 5.75 8.10 -3.85
N SER C 51 5.97 8.70 -2.68
CA SER C 51 4.87 9.04 -1.77
C SER C 51 5.19 10.41 -1.17
N LEU C 52 4.17 11.13 -0.71
CA LEU C 52 4.37 12.46 -0.15
C LEU C 52 5.05 12.51 1.21
N VAL C 53 5.94 13.49 1.36
CA VAL C 53 6.65 13.68 2.61
C VAL C 53 5.84 14.69 3.44
N GLU C 54 5.63 14.39 4.73
CA GLU C 54 4.88 15.28 5.62
C GLU C 54 5.89 16.35 6.06
N ILE C 55 6.41 17.06 5.06
CA ILE C 55 7.44 18.07 5.24
C ILE C 55 7.14 19.31 6.08
N ASN C 56 5.93 19.84 6.02
CA ASN C 56 5.60 21.04 6.79
C ASN C 56 4.98 20.65 8.13
N ASN C 57 5.76 19.91 8.92
CA ASN C 57 5.31 19.44 10.23
C ASN C 57 5.53 20.46 11.33
N VAL C 58 4.74 21.53 11.30
CA VAL C 58 4.83 22.59 12.30
C VAL C 58 3.47 22.79 12.95
N GLU C 59 3.47 23.44 14.11
CA GLU C 59 2.26 23.70 14.88
C GLU C 59 1.10 24.25 14.05
N SER C 60 1.38 25.26 13.23
CA SER C 60 0.36 25.90 12.40
C SER C 60 -0.23 25.07 11.26
N ALA C 61 0.39 23.93 10.94
CA ALA C 61 -0.10 23.09 9.85
C ALA C 61 -0.82 21.84 10.34
N GLU C 62 -2.08 21.70 9.92
CA GLU C 62 -2.87 20.53 10.31
C GLU C 62 -3.32 19.74 9.10
N GLY C 63 -3.33 18.43 9.24
CA GLY C 63 -3.77 17.57 8.15
C GLY C 63 -3.05 17.76 6.82
N VAL C 64 -3.84 17.79 5.75
CA VAL C 64 -3.34 17.93 4.39
C VAL C 64 -2.35 19.08 4.18
N ALA C 65 -2.51 20.16 4.93
CA ALA C 65 -1.62 21.31 4.79
C ALA C 65 -0.16 20.96 5.12
N ARG C 66 0.04 19.86 5.86
CA ARG C 66 1.38 19.45 6.25
C ARG C 66 2.22 18.90 5.09
N TYR C 67 1.59 18.66 3.95
CA TYR C 67 2.31 18.16 2.77
C TYR C 67 2.81 19.28 1.88
N ARG C 68 2.37 20.50 2.16
CA ARG C 68 2.75 21.63 1.33
C ARG C 68 3.92 22.48 1.80
N ILE C 69 4.92 22.63 0.93
CA ILE C 69 6.08 23.48 1.23
C ILE C 69 5.65 24.88 0.82
N PRO C 70 5.61 25.83 1.77
CA PRO C 70 5.22 27.21 1.45
C PRO C 70 6.26 27.96 0.63
N LEU C 71 5.79 28.64 -0.40
CA LEU C 71 6.66 29.42 -1.26
C LEU C 71 5.99 30.79 -1.43
N ASN C 72 6.75 31.87 -1.39
CA ASN C 72 6.14 33.19 -1.56
C ASN C 72 7.08 34.20 -2.19
N VAL C 73 6.51 35.25 -2.78
CA VAL C 73 7.29 36.29 -3.42
C VAL C 73 8.19 36.93 -2.37
N GLN C 74 9.49 36.91 -2.63
CA GLN C 74 10.49 37.47 -1.71
C GLN C 74 10.78 38.95 -1.97
N ASP C 75 11.39 39.59 -0.99
CA ASP C 75 11.79 40.99 -1.09
C ASP C 75 13.25 41.08 -0.64
N ALA C 76 13.89 39.91 -0.61
CA ALA C 76 15.29 39.75 -0.24
C ALA C 76 15.80 38.58 -1.07
N MET C 77 17.11 38.44 -1.22
CA MET C 77 17.63 37.35 -2.04
C MET C 77 18.27 36.19 -1.28
N ASP C 78 18.42 35.08 -2.00
CA ASP C 78 19.08 33.86 -1.50
C ASP C 78 18.46 33.20 -0.25
N GLY C 79 17.20 33.50 0.03
CA GLY C 79 16.55 32.92 1.20
C GLY C 79 16.29 31.43 1.17
N GLN C 80 16.16 30.84 2.36
CA GLN C 80 15.91 29.40 2.48
C GLN C 80 14.41 29.08 2.45
N ILE C 81 14.08 27.91 1.91
CA ILE C 81 12.70 27.48 1.79
C ILE C 81 12.38 26.31 2.73
N MET C 82 13.28 25.33 2.82
CA MET C 82 13.07 24.19 3.70
C MET C 82 14.37 23.44 3.98
N ALA C 83 14.32 22.56 4.97
CA ALA C 83 15.47 21.74 5.36
C ALA C 83 14.95 20.41 5.90
N LEU C 84 15.75 19.36 5.77
CA LEU C 84 15.34 18.05 6.26
C LEU C 84 16.52 17.07 6.30
N ARG C 85 16.56 16.20 7.32
CA ARG C 85 17.61 15.19 7.37
C ARG C 85 17.15 14.17 6.34
N VAL C 86 18.07 13.60 5.56
CA VAL C 86 17.66 12.64 4.54
C VAL C 86 17.37 11.22 5.03
N ASP C 87 17.79 10.90 6.24
CA ASP C 87 17.58 9.57 6.81
C ASP C 87 16.12 9.12 6.73
N PRO C 88 15.84 8.07 5.95
CA PRO C 88 14.50 7.52 5.74
C PRO C 88 13.82 6.81 6.90
N GLY C 89 14.57 6.35 7.89
CA GLY C 89 13.93 5.63 8.98
C GLY C 89 13.76 6.35 10.30
N ILE C 90 14.17 7.60 10.40
CA ILE C 90 14.06 8.32 11.66
C ILE C 90 12.72 9.04 11.81
N ASP C 91 12.39 9.37 13.06
CA ASP C 91 11.16 10.10 13.35
C ASP C 91 11.21 11.43 12.63
N GLY C 92 10.08 11.83 12.04
CA GLY C 92 10.04 13.08 11.32
C GLY C 92 9.18 12.97 10.08
N PRO C 93 9.25 13.95 9.17
CA PRO C 93 8.49 14.00 7.92
C PRO C 93 8.49 12.73 7.06
N MET C 94 9.56 11.94 7.15
CA MET C 94 9.68 10.71 6.37
C MET C 94 8.99 9.49 6.97
N GLN C 95 8.77 9.50 8.27
CA GLN C 95 8.20 8.34 8.92
C GLN C 95 6.85 7.83 8.45
N SER C 96 6.04 8.70 7.87
CA SER C 96 4.72 8.27 7.39
C SER C 96 4.68 7.99 5.90
N THR C 97 5.83 8.02 5.23
CA THR C 97 5.89 7.74 3.79
C THR C 97 6.02 6.23 3.57
N LEU C 98 5.81 5.78 2.33
CA LEU C 98 5.94 4.35 2.01
C LEU C 98 7.36 3.91 2.33
N LEU C 99 8.32 4.68 1.83
CA LEU C 99 9.72 4.39 2.05
C LEU C 99 10.01 4.35 3.55
N GLY C 100 9.49 5.34 4.27
CA GLY C 100 9.71 5.40 5.71
C GLY C 100 9.13 4.22 6.48
N VAL C 101 7.90 3.84 6.16
CA VAL C 101 7.26 2.73 6.85
C VAL C 101 8.07 1.45 6.72
N PHE C 102 8.41 1.07 5.50
CA PHE C 102 9.18 -0.15 5.30
C PHE C 102 10.59 -0.05 5.87
N THR C 103 11.18 1.14 5.78
CA THR C 103 12.52 1.30 6.34
C THR C 103 12.42 1.08 7.84
N ARG C 104 11.29 1.47 8.43
CA ARG C 104 11.09 1.30 9.86
C ARG C 104 10.80 -0.16 10.25
N TYR C 105 10.64 -1.02 9.25
CA TYR C 105 10.43 -2.45 9.50
C TYR C 105 11.80 -3.16 9.47
N TYR C 106 12.85 -2.38 9.21
CA TYR C 106 14.20 -2.93 9.14
C TYR C 106 15.22 -2.15 9.95
N ALA C 107 16.37 -2.77 10.24
CA ALA C 107 17.39 -2.13 11.03
C ALA C 107 18.49 -1.43 10.22
N GLN C 108 18.68 -1.84 8.97
CA GLN C 108 19.73 -1.23 8.14
C GLN C 108 19.24 -0.95 6.73
N TRP C 109 19.83 0.05 6.09
CA TRP C 109 19.47 0.41 4.72
C TRP C 109 20.68 0.82 3.91
N SER C 110 20.50 0.87 2.60
CA SER C 110 21.55 1.27 1.68
C SER C 110 20.90 1.70 0.36
N GLY C 111 21.56 2.59 -0.36
CA GLY C 111 21.01 3.01 -1.63
C GLY C 111 20.75 4.49 -1.80
N SER C 112 20.60 4.88 -3.07
CA SER C 112 20.33 6.26 -3.41
C SER C 112 18.85 6.53 -3.21
N LEU C 113 18.51 7.79 -2.95
CA LEU C 113 17.13 8.17 -2.73
C LEU C 113 16.68 9.16 -3.78
N ASP C 114 15.40 9.05 -4.15
CA ASP C 114 14.83 9.95 -5.13
C ASP C 114 13.88 10.93 -4.44
N PHE C 115 14.22 12.21 -4.51
CA PHE C 115 13.37 13.26 -3.95
C PHE C 115 12.88 14.06 -5.14
N THR C 116 11.58 14.01 -5.39
CA THR C 116 10.98 14.72 -6.50
C THR C 116 10.08 15.83 -5.96
N PHE C 117 10.08 16.97 -6.63
CA PHE C 117 9.26 18.10 -6.20
C PHE C 117 8.38 18.59 -7.34
N MET C 118 7.13 18.91 -7.02
CA MET C 118 6.19 19.41 -8.02
C MET C 118 5.69 20.79 -7.62
N PHE C 119 5.83 21.76 -8.52
CA PHE C 119 5.38 23.12 -8.25
C PHE C 119 3.89 23.20 -8.57
N CYS C 120 3.13 23.82 -7.68
CA CYS C 120 1.69 23.93 -7.88
C CYS C 120 1.10 25.33 -7.95
N GLY C 121 1.91 26.31 -8.38
CA GLY C 121 1.41 27.67 -8.50
C GLY C 121 0.68 27.83 -9.82
N THR C 122 0.29 29.05 -10.18
CA THR C 122 -0.41 29.25 -11.44
C THR C 122 0.56 29.12 -12.60
N PHE C 123 0.02 28.95 -13.80
CA PHE C 123 0.81 28.83 -15.01
C PHE C 123 1.70 30.07 -15.22
N MET C 124 1.22 31.22 -14.77
CA MET C 124 1.95 32.49 -14.90
C MET C 124 3.02 32.70 -13.85
N THR C 125 2.98 31.92 -12.77
CA THR C 125 3.95 32.05 -11.70
C THR C 125 5.28 31.41 -12.07
N THR C 126 6.36 32.17 -12.00
CA THR C 126 7.67 31.62 -12.34
C THR C 126 8.61 31.64 -11.15
N GLY C 127 9.78 31.03 -11.33
CA GLY C 127 10.75 30.99 -10.27
C GLY C 127 11.84 29.95 -10.50
N LYS C 128 12.94 30.08 -9.78
CA LYS C 128 14.04 29.14 -9.85
C LYS C 128 14.49 28.89 -8.43
N VAL C 129 14.62 27.63 -8.05
CA VAL C 129 15.08 27.28 -6.72
C VAL C 129 16.20 26.27 -6.85
N ILE C 130 17.03 26.19 -5.82
CA ILE C 130 18.12 25.25 -5.83
C ILE C 130 17.89 24.29 -4.67
N ILE C 131 18.03 22.99 -4.96
CA ILE C 131 17.83 21.96 -3.95
C ILE C 131 19.18 21.27 -3.79
N ALA C 132 19.68 21.23 -2.55
CA ALA C 132 20.99 20.64 -2.31
C ALA C 132 21.05 19.56 -1.25
N TYR C 133 21.93 18.60 -1.50
CA TYR C 133 22.18 17.50 -0.57
C TYR C 133 23.56 17.72 0.03
N THR C 134 23.62 17.79 1.35
CA THR C 134 24.87 18.00 2.06
C THR C 134 25.32 16.73 2.77
N PRO C 135 26.38 16.07 2.24
CA PRO C 135 26.86 14.84 2.89
C PRO C 135 27.27 15.17 4.33
N PRO C 136 27.22 14.17 5.23
CA PRO C 136 27.58 14.38 6.64
C PRO C 136 28.96 14.93 6.97
N GLY C 137 29.12 15.34 8.22
CA GLY C 137 30.38 15.90 8.69
C GLY C 137 30.11 17.07 9.63
N GLY C 138 29.19 17.95 9.23
CA GLY C 138 28.86 19.10 10.06
C GLY C 138 27.36 19.27 10.22
N ASP C 139 26.93 20.51 10.44
CA ASP C 139 25.51 20.80 10.61
C ASP C 139 24.93 21.17 9.26
N GLN C 140 23.61 21.36 9.20
CA GLN C 140 22.98 21.73 7.94
C GLN C 140 23.56 23.06 7.51
N PRO C 141 23.67 23.30 6.20
CA PRO C 141 24.22 24.58 5.71
C PRO C 141 23.39 25.76 6.19
N THR C 142 24.07 26.84 6.55
CA THR C 142 23.44 28.05 7.07
C THR C 142 22.95 29.02 6.01
N ASN C 143 23.59 29.00 4.84
CA ASN C 143 23.20 29.89 3.74
C ASN C 143 23.31 29.18 2.40
N ARG C 144 22.76 29.80 1.36
CA ARG C 144 22.79 29.21 0.02
C ARG C 144 24.20 28.93 -0.48
N ARG C 145 25.12 29.85 -0.23
CA ARG C 145 26.49 29.66 -0.69
C ARG C 145 27.08 28.36 -0.15
N GLN C 146 26.88 28.10 1.12
CA GLN C 146 27.41 26.88 1.72
C GLN C 146 26.72 25.63 1.15
N ALA C 147 25.39 25.68 1.06
CA ALA C 147 24.63 24.55 0.55
C ALA C 147 25.01 24.19 -0.88
N MET C 148 25.21 25.23 -1.69
CA MET C 148 25.56 25.11 -3.11
C MET C 148 26.87 24.33 -3.37
N LEU C 149 27.70 24.17 -2.33
CA LEU C 149 28.96 23.44 -2.49
C LEU C 149 28.76 21.93 -2.51
N GLY C 150 27.57 21.46 -2.16
CA GLY C 150 27.31 20.03 -2.16
C GLY C 150 26.56 19.58 -3.41
N THR C 151 26.04 18.36 -3.39
CA THR C 151 25.29 17.84 -4.54
C THR C 151 24.01 18.65 -4.66
N HIS C 152 23.69 19.09 -5.87
CA HIS C 152 22.48 19.89 -6.03
C HIS C 152 21.95 19.96 -7.44
N VAL C 153 20.75 20.52 -7.56
CA VAL C 153 20.10 20.72 -8.83
C VAL C 153 19.42 22.09 -8.81
N VAL C 154 19.48 22.80 -9.92
CA VAL C 154 18.81 24.10 -10.01
C VAL C 154 17.54 23.81 -10.80
N TRP C 155 16.42 24.13 -10.19
CA TRP C 155 15.10 23.88 -10.75
C TRP C 155 14.43 25.14 -11.30
N ASP C 156 14.01 25.07 -12.56
CA ASP C 156 13.34 26.19 -13.21
C ASP C 156 11.86 25.86 -13.42
N PHE C 157 10.96 26.63 -12.82
CA PHE C 157 9.53 26.36 -12.98
C PHE C 157 9.12 26.57 -14.45
N GLY C 158 8.36 25.62 -14.98
CA GLY C 158 7.93 25.71 -16.37
C GLY C 158 6.93 24.63 -16.71
N LEU C 159 6.80 24.33 -18.00
CA LEU C 159 5.86 23.32 -18.46
C LEU C 159 6.03 22.01 -17.70
N GLN C 160 7.26 21.53 -17.59
CA GLN C 160 7.51 20.30 -16.83
C GLN C 160 7.48 20.79 -15.38
N SER C 161 6.39 20.47 -14.68
CA SER C 161 6.15 20.91 -13.32
C SER C 161 7.04 20.36 -12.22
N SER C 162 7.76 19.28 -12.49
CA SER C 162 8.56 18.67 -11.45
C SER C 162 10.05 18.53 -11.74
N ILE C 163 10.80 18.30 -10.68
CA ILE C 163 12.24 18.13 -10.77
C ILE C 163 12.64 17.04 -9.79
N THR C 164 13.73 16.34 -10.08
CA THR C 164 14.20 15.30 -9.18
C THR C 164 15.61 15.61 -8.70
N LEU C 165 15.83 15.48 -7.40
CA LEU C 165 17.15 15.64 -6.83
C LEU C 165 17.46 14.24 -6.35
N VAL C 166 18.51 13.64 -6.90
CA VAL C 166 18.86 12.32 -6.44
C VAL C 166 19.86 12.47 -5.30
N VAL C 167 19.54 11.88 -4.15
CA VAL C 167 20.46 11.94 -3.03
C VAL C 167 21.23 10.63 -3.22
N PRO C 168 22.39 10.71 -3.88
CA PRO C 168 23.20 9.50 -4.12
C PRO C 168 23.70 8.86 -2.84
N TRP C 169 23.89 7.55 -2.89
CA TRP C 169 24.39 6.85 -1.72
C TRP C 169 25.87 7.19 -1.56
N ILE C 170 26.16 7.98 -0.53
CA ILE C 170 27.53 8.37 -0.22
C ILE C 170 27.67 8.04 1.25
N SER C 171 28.31 6.91 1.53
CA SER C 171 28.47 6.45 2.90
C SER C 171 29.81 5.76 3.05
N SER C 172 30.33 5.76 4.28
CA SER C 172 31.59 5.09 4.56
C SER C 172 31.36 3.59 4.44
N GLY C 173 30.29 3.10 5.05
CA GLY C 173 29.98 1.68 5.00
C GLY C 173 28.92 1.35 3.96
N HIS C 174 28.79 0.08 3.63
CA HIS C 174 27.81 -0.38 2.64
C HIS C 174 26.37 -0.19 3.12
N PHE C 175 26.18 -0.15 4.44
CA PHE C 175 24.84 0.05 5.00
C PHE C 175 24.91 1.07 6.13
N ARG C 176 23.73 1.57 6.51
CA ARG C 176 23.60 2.53 7.61
C ARG C 176 22.48 2.01 8.50
N GLY C 177 22.55 2.31 9.80
CA GLY C 177 21.47 1.90 10.68
C GLY C 177 20.28 2.78 10.31
N THR C 178 19.06 2.28 10.52
CA THR C 178 17.87 3.06 10.18
C THR C 178 17.44 4.05 11.26
N THR C 179 18.04 3.95 12.44
CA THR C 179 17.72 4.89 13.52
C THR C 179 18.99 5.66 13.85
N LEU C 180 18.83 6.84 14.43
CA LEU C 180 19.99 7.64 14.84
C LEU C 180 19.99 7.78 16.35
N GLU C 181 19.25 6.88 17.01
CA GLU C 181 19.14 6.84 18.47
C GLU C 181 20.56 6.92 19.03
N ASN C 182 20.80 7.91 19.87
CA ASN C 182 22.14 8.14 20.43
C ASN C 182 22.41 7.68 21.85
N THR C 183 21.54 8.06 22.79
CA THR C 183 21.72 7.72 24.19
C THR C 183 22.22 6.31 24.50
N ILE C 184 21.68 5.31 23.81
CA ILE C 184 22.10 3.93 24.05
C ILE C 184 23.13 3.39 23.07
N TYR C 185 22.77 3.43 21.79
CA TYR C 185 23.61 2.90 20.71
C TYR C 185 24.60 3.83 20.02
N LYS C 186 24.48 5.14 20.25
CA LYS C 186 25.38 6.11 19.62
C LYS C 186 25.26 6.02 18.10
N TYR C 187 24.06 5.69 17.62
CA TYR C 187 23.83 5.56 16.18
C TYR C 187 23.84 6.87 15.40
N ARG C 188 24.03 8.01 16.08
CA ARG C 188 24.09 9.29 15.39
C ARG C 188 25.26 9.16 14.40
N TYR C 189 26.08 8.14 14.64
CA TYR C 189 27.23 7.81 13.81
C TYR C 189 26.85 7.64 12.33
N TYR C 190 25.63 7.16 12.11
CA TYR C 190 25.13 6.92 10.76
C TYR C 190 24.44 8.07 10.03
N GLU C 191 24.33 9.25 10.64
CA GLU C 191 23.62 10.35 9.98
C GLU C 191 24.03 10.50 8.51
N ALA C 192 23.03 10.51 7.63
CA ALA C 192 23.26 10.59 6.20
C ALA C 192 23.35 11.98 5.58
N GLY C 193 23.12 13.01 6.38
CA GLY C 193 23.22 14.36 5.82
C GLY C 193 21.90 15.10 5.73
N TYR C 194 21.90 16.22 5.01
CA TYR C 194 20.71 17.04 4.88
C TYR C 194 20.36 17.43 3.48
N ILE C 195 19.08 17.76 3.29
CA ILE C 195 18.58 18.23 2.02
C ILE C 195 17.98 19.60 2.34
N THR C 196 18.38 20.62 1.59
CA THR C 196 17.85 21.98 1.82
C THR C 196 17.45 22.60 0.50
N MET C 197 16.52 23.56 0.57
CA MET C 197 16.02 24.23 -0.63
C MET C 197 16.13 25.73 -0.42
N TRP C 198 16.55 26.44 -1.46
CA TRP C 198 16.72 27.89 -1.39
C TRP C 198 16.21 28.56 -2.65
N TYR C 199 15.87 29.84 -2.54
CA TYR C 199 15.44 30.59 -3.71
C TYR C 199 16.70 30.80 -4.55
N GLN C 200 16.66 30.44 -5.83
CA GLN C 200 17.81 30.65 -6.69
C GLN C 200 17.68 32.09 -7.21
N THR C 201 16.45 32.46 -7.56
CA THR C 201 16.14 33.82 -7.99
C THR C 201 15.01 34.29 -7.07
N ASN C 202 13.77 34.18 -7.53
CA ASN C 202 12.62 34.59 -6.73
C ASN C 202 11.35 34.05 -7.37
N MET C 203 10.27 33.96 -6.60
CA MET C 203 8.99 33.54 -7.15
C MET C 203 8.41 34.85 -7.66
N VAL C 204 8.03 34.89 -8.94
CA VAL C 204 7.49 36.12 -9.51
C VAL C 204 6.09 35.90 -10.07
N VAL C 205 5.18 36.83 -9.81
CA VAL C 205 3.81 36.72 -10.30
C VAL C 205 3.28 37.99 -10.92
N PRO C 206 2.22 37.89 -11.73
CA PRO C 206 1.59 39.04 -12.39
C PRO C 206 0.77 39.82 -11.36
N PRO C 207 0.12 40.92 -11.78
CA PRO C 207 -0.70 41.72 -10.87
C PRO C 207 -1.88 40.95 -10.30
N ASN C 208 -2.18 41.18 -9.02
CA ASN C 208 -3.32 40.55 -8.34
C ASN C 208 -3.30 39.03 -8.21
N PHE C 209 -2.16 38.41 -8.47
CA PHE C 209 -2.05 36.96 -8.36
C PHE C 209 -1.72 36.53 -6.94
N PRO C 210 -1.92 35.24 -6.63
CA PRO C 210 -1.61 34.77 -5.27
C PRO C 210 -0.09 34.94 -5.12
N THR C 211 0.33 35.59 -4.04
CA THR C 211 1.76 35.80 -3.82
C THR C 211 2.39 34.65 -3.05
N THR C 212 1.60 33.62 -2.80
CA THR C 212 2.06 32.43 -2.10
C THR C 212 1.65 31.24 -2.95
N ALA C 213 2.46 30.20 -2.94
CA ALA C 213 2.16 29.00 -3.71
C ALA C 213 2.74 27.80 -2.96
N SER C 214 2.49 26.60 -3.47
CA SER C 214 2.97 25.40 -2.80
C SER C 214 3.78 24.47 -3.68
N ILE C 215 4.63 23.69 -3.03
CA ILE C 215 5.45 22.70 -3.69
C ILE C 215 5.16 21.39 -2.95
N LEU C 216 4.92 20.32 -3.69
CA LEU C 216 4.68 19.03 -3.05
C LEU C 216 5.98 18.26 -3.15
N MET C 217 6.34 17.54 -2.09
CA MET C 217 7.57 16.78 -2.03
C MET C 217 7.35 15.27 -1.98
N PHE C 218 7.96 14.57 -2.93
CA PHE C 218 7.83 13.11 -3.01
C PHE C 218 9.17 12.45 -2.73
N VAL C 219 9.16 11.22 -2.25
CA VAL C 219 10.39 10.50 -2.00
C VAL C 219 10.20 9.02 -2.31
N ALA C 220 11.26 8.39 -2.81
CA ALA C 220 11.22 6.97 -3.15
C ALA C 220 12.64 6.43 -3.16
N ALA C 221 12.77 5.11 -3.11
CA ALA C 221 14.08 4.47 -3.14
C ALA C 221 14.52 4.32 -4.59
N GLN C 222 15.83 4.37 -4.84
CA GLN C 222 16.36 4.18 -6.19
C GLN C 222 16.56 2.68 -6.40
N PRO C 223 16.91 2.26 -7.63
CA PRO C 223 17.13 0.83 -7.92
C PRO C 223 18.29 0.15 -7.20
N ASN C 224 19.17 0.91 -6.55
CA ASN C 224 20.30 0.31 -5.84
C ASN C 224 20.05 0.26 -4.33
N PHE C 225 18.77 0.41 -3.95
CA PHE C 225 18.36 0.44 -2.55
C PHE C 225 17.96 -0.93 -2.00
N SER C 226 18.32 -1.20 -0.74
CA SER C 226 17.96 -2.46 -0.09
C SER C 226 17.88 -2.29 1.43
N LEU C 227 17.24 -3.24 2.10
CA LEU C 227 17.07 -3.22 3.55
C LEU C 227 17.47 -4.54 4.16
N ARG C 228 17.93 -4.53 5.42
CA ARG C 228 18.34 -5.75 6.10
C ARG C 228 17.90 -5.77 7.56
N ILE C 229 17.70 -6.99 8.08
CA ILE C 229 17.31 -7.22 9.46
C ILE C 229 15.93 -6.70 9.81
N LEU C 230 14.93 -7.57 9.66
CA LEU C 230 13.55 -7.21 9.95
C LEU C 230 13.38 -6.92 11.45
N LYS C 231 12.54 -5.95 11.77
CA LYS C 231 12.27 -5.59 13.16
C LYS C 231 10.85 -5.05 13.22
N ASP C 232 10.24 -5.09 14.40
CA ASP C 232 8.88 -4.58 14.52
C ASP C 232 8.80 -3.08 14.35
N ARG C 233 7.83 -2.64 13.55
CA ARG C 233 7.61 -1.23 13.28
C ARG C 233 7.18 -0.56 14.59
N PRO C 234 7.98 0.39 15.09
CA PRO C 234 7.71 1.10 16.35
C PRO C 234 6.39 1.85 16.45
N ASP C 235 5.78 2.12 15.31
CA ASP C 235 4.52 2.85 15.26
C ASP C 235 3.29 2.01 15.61
N ILE C 236 3.37 0.70 15.40
CA ILE C 236 2.24 -0.18 15.68
C ILE C 236 2.29 -0.72 17.10
N SER C 237 1.32 -0.32 17.92
CA SER C 237 1.28 -0.77 19.31
C SER C 237 -0.13 -0.87 19.86
N GLN C 238 -0.28 -1.44 21.06
CA GLN C 238 -1.58 -1.55 21.69
C GLN C 238 -1.41 -1.66 23.21
N GLU C 239 -2.41 -1.18 23.95
CA GLU C 239 -2.35 -1.21 25.42
C GLU C 239 -3.17 -2.32 26.05
N GLY C 240 -3.95 -3.02 25.24
CA GLY C 240 -4.77 -4.10 25.73
C GLY C 240 -5.35 -4.85 24.56
N ALA C 241 -5.95 -6.01 24.80
CA ALA C 241 -6.54 -6.78 23.72
C ALA C 241 -7.60 -5.92 23.02
N LEU C 242 -7.82 -6.20 21.74
CA LEU C 242 -8.82 -5.47 20.98
C LEU C 242 -10.10 -6.27 20.91
N GLN C 243 -11.22 -5.57 20.96
CA GLN C 243 -12.53 -6.18 20.91
C GLN C 243 -13.40 -5.44 19.91
N GLY D 22 26.46 -15.78 2.85
CA GLY D 22 24.98 -15.68 2.61
C GLY D 22 24.28 -17.04 2.57
N SER D 23 23.54 -17.29 1.49
CA SER D 23 22.83 -18.55 1.33
C SER D 23 23.76 -19.66 0.85
N ASN D 24 23.40 -20.91 1.13
CA ASN D 24 24.19 -22.07 0.74
C ASN D 24 23.96 -22.53 -0.70
N ILE D 25 24.97 -23.17 -1.26
CA ILE D 25 24.89 -23.71 -2.61
C ILE D 25 24.82 -25.22 -2.50
N HIS D 26 24.83 -25.70 -1.25
CA HIS D 26 24.77 -27.13 -0.95
C HIS D 26 23.65 -27.39 0.06
N TYR D 27 22.42 -27.04 -0.34
CA TYR D 27 21.26 -27.23 0.52
C TYR D 27 20.50 -28.49 0.08
N THR D 28 20.07 -29.29 1.04
CA THR D 28 19.33 -30.52 0.75
C THR D 28 17.82 -30.30 0.90
N ASN D 29 17.11 -30.30 -0.23
CA ASN D 29 15.67 -30.10 -0.22
C ASN D 29 14.92 -31.39 -0.55
N ILE D 30 14.42 -32.05 0.48
CA ILE D 30 13.68 -33.29 0.36
C ILE D 30 12.41 -33.16 1.19
N ASN D 31 11.26 -33.35 0.57
CA ASN D 31 9.99 -33.24 1.30
C ASN D 31 9.59 -34.56 1.95
N TYR D 32 9.36 -34.52 3.26
CA TYR D 32 8.98 -35.71 4.01
C TYR D 32 7.47 -35.92 4.09
N TYR D 33 6.71 -34.87 3.81
CA TYR D 33 5.25 -34.96 3.93
C TYR D 33 4.46 -34.94 2.62
N GLU D 34 3.23 -35.43 2.70
CA GLU D 34 2.35 -35.53 1.54
C GLU D 34 1.89 -34.20 0.96
N ASN D 35 1.43 -33.29 1.81
CA ASN D 35 0.92 -32.00 1.35
C ASN D 35 1.99 -30.90 1.30
N ALA D 36 1.97 -30.12 0.23
CA ALA D 36 2.93 -29.04 0.04
C ALA D 36 2.87 -28.01 1.17
N ALA D 37 1.74 -27.95 1.86
CA ALA D 37 1.60 -26.99 2.96
C ALA D 37 2.60 -27.32 4.06
N SER D 38 3.05 -28.58 4.09
CA SER D 38 4.00 -29.02 5.10
C SER D 38 5.43 -28.57 4.79
N ASN D 39 5.69 -28.25 3.53
CA ASN D 39 7.03 -27.84 3.10
C ASN D 39 7.57 -26.62 3.81
N SER D 40 8.90 -26.51 3.83
CA SER D 40 9.58 -25.38 4.44
C SER D 40 9.41 -24.16 3.55
N LEU D 41 9.84 -22.99 4.03
CA LEU D 41 9.71 -21.73 3.27
C LEU D 41 10.31 -21.78 1.87
N ASN D 42 9.78 -20.96 0.97
CA ASN D 42 10.30 -20.88 -0.40
C ASN D 42 11.70 -20.27 -0.32
N LYS D 43 12.58 -20.68 -1.23
CA LYS D 43 13.95 -20.19 -1.21
C LYS D 43 14.36 -19.32 -2.40
N GLN D 44 13.39 -18.77 -3.13
CA GLN D 44 13.70 -17.93 -4.28
C GLN D 44 14.11 -16.52 -3.81
N ASP D 45 13.13 -15.74 -3.37
CA ASP D 45 13.39 -14.39 -2.85
C ASP D 45 13.93 -13.33 -3.80
N PHE D 46 13.49 -13.35 -5.06
CA PHE D 46 13.96 -12.35 -6.02
C PHE D 46 13.09 -11.11 -5.90
N THR D 47 13.38 -10.12 -6.73
CA THR D 47 12.57 -8.92 -6.80
C THR D 47 12.32 -8.76 -8.29
N GLN D 48 11.31 -8.00 -8.67
CA GLN D 48 11.03 -7.81 -10.09
C GLN D 48 11.00 -6.34 -10.43
N ASP D 49 11.06 -6.05 -11.73
CA ASP D 49 11.00 -4.66 -12.21
C ASP D 49 9.72 -4.10 -11.59
N PRO D 50 9.81 -2.96 -10.91
CA PRO D 50 8.64 -2.33 -10.27
C PRO D 50 7.75 -1.48 -11.17
N GLU D 51 8.04 -1.49 -12.47
CA GLU D 51 7.30 -0.68 -13.44
C GLU D 51 5.77 -0.69 -13.33
N LYS D 52 5.18 -1.84 -13.07
CA LYS D 52 3.73 -1.93 -12.97
C LYS D 52 3.21 -1.03 -11.84
N PHE D 53 4.09 -0.66 -10.92
CA PHE D 53 3.70 0.21 -9.81
C PHE D 53 4.29 1.61 -9.94
N THR D 54 5.56 1.67 -10.36
CA THR D 54 6.25 2.95 -10.50
C THR D 54 5.94 3.74 -11.76
N ARG D 55 5.75 3.06 -12.89
CA ARG D 55 5.47 3.75 -14.15
C ARG D 55 4.39 3.04 -14.96
N PRO D 56 3.16 2.97 -14.42
CA PRO D 56 2.02 2.33 -15.07
C PRO D 56 1.34 3.25 -16.08
N VAL D 57 2.11 3.71 -17.07
CA VAL D 57 1.56 4.61 -18.08
C VAL D 57 1.54 3.95 -19.46
N VAL D 58 0.62 4.42 -20.30
CA VAL D 58 0.47 3.90 -21.65
C VAL D 58 1.62 4.32 -22.56
N ASP D 59 1.93 5.61 -22.55
CA ASP D 59 3.00 6.15 -23.39
C ASP D 59 4.33 6.15 -22.67
N VAL D 60 5.33 5.53 -23.30
CA VAL D 60 6.66 5.47 -22.73
C VAL D 60 7.25 6.87 -22.66
N MET D 61 7.87 7.19 -21.52
CA MET D 61 8.49 8.48 -21.34
C MET D 61 9.97 8.28 -21.02
N LYS D 62 10.81 8.42 -22.05
CA LYS D 62 12.25 8.23 -21.92
C LYS D 62 12.87 9.18 -20.89
N GLU D 63 13.86 8.70 -20.17
CA GLU D 63 14.55 9.50 -19.16
C GLU D 63 15.24 10.74 -19.74
N ALA D 64 15.69 10.66 -20.98
CA ALA D 64 16.39 11.79 -21.60
C ALA D 64 15.49 12.89 -22.17
N ALA D 65 14.24 12.59 -22.45
CA ALA D 65 13.33 13.59 -23.02
C ALA D 65 12.46 14.23 -21.96
N VAL D 66 11.64 15.22 -22.35
CA VAL D 66 10.74 15.85 -21.39
C VAL D 66 9.52 14.93 -21.31
N PRO D 67 8.90 14.84 -20.12
CA PRO D 67 7.71 13.98 -19.95
C PRO D 67 6.52 14.33 -20.84
N LEU D 68 6.14 15.60 -20.85
CA LEU D 68 4.99 16.07 -21.63
C LEU D 68 5.37 17.08 -22.70
N LYS D 69 4.80 16.91 -23.90
CA LYS D 69 5.10 17.83 -25.00
C LYS D 69 3.93 17.87 -25.99
#